data_4CT3
#
_entry.id   4CT3
#
_cell.length_a   39.020
_cell.length_b   61.520
_cell.length_c   72.800
_cell.angle_alpha   91.80
_cell.angle_beta   98.73
_cell.angle_gamma   90.01
#
_symmetry.space_group_name_H-M   'P 1'
#
loop_
_entity.id
_entity.type
_entity.pdbx_description
1 polymer ORF30/ORF32
2 non-polymer 'CHLORIDE ION'
3 non-polymer GLYCEROL
4 non-polymer '4-(2-HYDROXYETHYL)-1-PIPERAZINE ETHANESULFONIC ACID'
5 non-polymer 'CALCIUM ION'
6 non-polymer 'METHYL MERCURY ION'
7 non-polymer 'MERCURY (II) ION'
8 water water
#
_entity_poly.entity_id   1
_entity_poly.type   'polypeptide(L)'
_entity_poly.pdbx_seq_one_letter_code
;MAKTQAEINKRLDAYAKGTVDSPYRVKKATSYDPSFGVMEAGAIDADGYYHAQ(CMH)QDLITDYVLWLTDNKVRTWGNA
KDQIKQSYGTGFKIHENKPSTVPKKGWIAVFTSGSYEQWGHIGIVYDGGNTSTFTILEQNWNGYANKKPTKRVDNYYGLT
HFIEIPVKA
;
_entity_poly.pdbx_strand_id   E,G,I,K
#
# COMPACT_ATOMS: atom_id res chain seq x y z
N ALA A 2 28.31 22.21 2.90
CA ALA A 2 27.52 22.46 1.68
C ALA A 2 28.23 21.97 0.41
N LYS A 3 27.44 21.73 -0.62
CA LYS A 3 27.94 21.18 -1.87
C LYS A 3 27.84 22.25 -2.92
N THR A 4 28.74 22.22 -3.89
CA THR A 4 28.72 23.18 -4.98
C THR A 4 27.64 22.74 -5.95
N GLN A 5 27.21 23.64 -6.83
CA GLN A 5 26.26 23.29 -7.86
C GLN A 5 26.81 22.22 -8.80
N ALA A 6 28.09 22.29 -9.13
CA ALA A 6 28.74 21.24 -9.91
C ALA A 6 28.64 19.87 -9.24
N GLU A 7 28.88 19.80 -7.94
CA GLU A 7 28.73 18.57 -7.16
C GLU A 7 27.29 18.04 -7.10
N ILE A 8 26.36 18.97 -6.85
CA ILE A 8 24.94 18.67 -6.91
C ILE A 8 24.57 18.11 -8.28
N ASN A 9 24.92 18.81 -9.34
CA ASN A 9 24.56 18.38 -10.71
C ASN A 9 25.13 17.02 -11.11
N LYS A 10 26.38 16.79 -10.75
CA LYS A 10 27.01 15.49 -10.89
C LYS A 10 26.25 14.39 -10.17
N ARG A 11 25.83 14.67 -8.93
CA ARG A 11 25.12 13.65 -8.17
C ARG A 11 23.77 13.30 -8.77
N LEU A 12 23.07 14.27 -9.34
CA LEU A 12 21.78 14.02 -9.95
C LEU A 12 21.90 13.11 -11.16
N ASP A 13 22.90 13.36 -12.00
CA ASP A 13 23.13 12.48 -13.14
C ASP A 13 23.51 11.10 -12.65
N ALA A 14 24.30 11.00 -11.58
CA ALA A 14 24.70 9.68 -11.07
C ALA A 14 23.51 8.92 -10.47
N TYR A 15 22.59 9.62 -9.81
CA TYR A 15 21.33 8.97 -9.41
C TYR A 15 20.62 8.35 -10.63
N ALA A 16 20.48 9.14 -11.70
CA ALA A 16 19.72 8.72 -12.86
C ALA A 16 20.41 7.59 -13.62
N LYS A 17 21.75 7.56 -13.56
CA LYS A 17 22.57 6.54 -14.20
C LYS A 17 22.74 5.27 -13.38
N GLY A 18 22.40 5.32 -12.10
CA GLY A 18 22.57 4.19 -11.20
C GLY A 18 23.98 4.06 -10.68
N THR A 19 24.74 5.16 -10.69
CA THR A 19 26.18 5.09 -10.32
C THR A 19 26.48 5.92 -9.08
N VAL A 20 25.46 6.51 -8.46
CA VAL A 20 25.67 7.44 -7.34
C VAL A 20 26.50 6.80 -6.23
N ASP A 21 27.38 7.58 -5.63
CA ASP A 21 28.17 7.14 -4.50
C ASP A 21 27.29 7.19 -3.25
N SER A 22 26.55 6.12 -3.03
CA SER A 22 25.64 6.01 -1.91
C SER A 22 25.68 4.61 -1.37
N PRO A 23 25.76 4.45 -0.03
CA PRO A 23 25.64 3.12 0.56
C PRO A 23 24.22 2.58 0.58
N TYR A 24 23.26 3.36 0.10
CA TYR A 24 21.86 2.95 0.02
C TYR A 24 21.42 2.59 -1.40
N ARG A 25 22.35 2.64 -2.36
CA ARG A 25 22.10 2.18 -3.70
C ARG A 25 22.21 0.65 -3.77
N VAL A 26 21.14 0.04 -4.25
CA VAL A 26 21.11 -1.40 -4.57
C VAL A 26 22.16 -1.76 -5.63
N LYS A 27 23.03 -2.70 -5.29
CA LYS A 27 24.11 -3.16 -6.21
C LYS A 27 23.62 -4.32 -7.08
N LYS A 28 22.80 -5.19 -6.48
CA LYS A 28 22.26 -6.38 -7.12
C LYS A 28 20.81 -6.46 -6.77
N ALA A 29 20.01 -6.90 -7.72
CA ALA A 29 18.56 -6.83 -7.66
C ALA A 29 18.08 -7.46 -6.36
N THR A 30 17.34 -6.68 -5.58
CA THR A 30 17.06 -6.98 -4.15
C THR A 30 15.57 -7.01 -3.90
N SER A 31 15.14 -7.98 -3.09
CA SER A 31 13.75 -8.10 -2.69
C SER A 31 13.63 -8.56 -1.26
N TYR A 32 12.69 -7.94 -0.55
CA TYR A 32 12.20 -8.39 0.73
C TYR A 32 10.70 -8.20 0.98
N ASP A 33 10.00 -7.42 0.16
CA ASP A 33 8.60 -7.08 0.39
C ASP A 33 7.75 -7.60 -0.78
N PRO A 34 6.91 -8.63 -0.53
CA PRO A 34 6.13 -9.23 -1.62
C PRO A 34 5.16 -8.26 -2.28
N SER A 35 4.86 -7.12 -1.63
CA SER A 35 3.90 -6.15 -2.19
C SER A 35 4.52 -5.30 -3.25
N PHE A 36 5.86 -5.30 -3.36
CA PHE A 36 6.59 -4.45 -4.29
C PHE A 36 7.43 -5.25 -5.25
N GLY A 37 7.78 -4.62 -6.37
CA GLY A 37 8.68 -5.24 -7.35
C GLY A 37 10.11 -5.29 -6.90
N VAL A 38 10.83 -6.30 -7.37
CA VAL A 38 12.24 -6.51 -7.04
C VAL A 38 12.97 -5.24 -7.38
N MET A 39 13.74 -4.68 -6.41
CA MET A 39 14.47 -3.46 -6.69
C MET A 39 15.61 -3.73 -7.66
N GLU A 40 15.61 -3.01 -8.75
CA GLU A 40 16.71 -3.07 -9.72
C GLU A 40 17.97 -2.39 -9.15
N ALA A 41 19.13 -2.80 -9.68
CA ALA A 41 20.36 -2.12 -9.38
C ALA A 41 20.15 -0.63 -9.64
N GLY A 42 20.55 0.19 -8.66
CA GLY A 42 20.47 1.63 -8.81
C GLY A 42 19.36 2.24 -7.98
N ALA A 43 18.38 1.44 -7.60
CA ALA A 43 17.32 1.85 -6.69
C ALA A 43 17.94 2.27 -5.36
N ILE A 44 17.35 3.29 -4.77
CA ILE A 44 17.78 3.79 -3.47
C ILE A 44 16.78 3.34 -2.39
N ASP A 45 17.29 2.63 -1.40
CA ASP A 45 16.53 2.20 -0.23
C ASP A 45 17.31 2.61 1.02
N ALA A 46 16.81 3.64 1.68
CA ALA A 46 17.51 4.25 2.81
C ALA A 46 17.01 3.75 4.17
N ASP A 47 15.81 3.16 4.24
CA ASP A 47 15.20 2.76 5.52
C ASP A 47 15.06 1.23 5.72
N GLY A 48 15.17 0.45 4.65
CA GLY A 48 14.96 -0.99 4.69
C GLY A 48 13.53 -1.42 4.80
N TYR A 49 12.60 -0.50 4.53
CA TYR A 49 11.20 -0.80 4.37
C TYR A 49 10.66 -0.37 2.99
N TYR A 50 9.64 -1.09 2.50
CA TYR A 50 8.84 -0.66 1.35
C TYR A 50 9.62 -0.55 0.02
N HIS A 51 10.76 -1.25 -0.08
CA HIS A 51 11.63 -1.15 -1.28
C HIS A 51 11.95 0.34 -1.53
N ALA A 52 11.89 0.80 -2.77
CA ALA A 52 12.49 2.06 -3.16
C ALA A 52 11.37 3.08 -3.40
N GLN A 53 11.08 3.83 -2.37
CA GLN A 53 9.98 4.80 -2.37
C GLN A 53 10.56 6.17 -2.69
N GLN A 55 10.52 8.92 -0.92
CA GLN A 55 11.23 9.57 0.17
C GLN A 55 12.65 9.00 0.40
N ASP A 56 12.89 7.74 -0.01
CA ASP A 56 14.24 7.13 0.05
C ASP A 56 15.32 7.95 -0.66
N LEU A 57 14.99 8.42 -1.87
CA LEU A 57 15.86 9.32 -2.61
C LEU A 57 16.26 10.57 -1.82
N ILE A 58 15.27 11.20 -1.18
CA ILE A 58 15.49 12.46 -0.44
C ILE A 58 16.30 12.19 0.81
N THR A 59 16.01 11.10 1.51
CA THR A 59 16.77 10.72 2.70
C THR A 59 18.27 10.63 2.35
N ASP A 60 18.58 9.92 1.28
CA ASP A 60 19.95 9.82 0.80
C ASP A 60 20.56 11.20 0.45
N TYR A 61 19.81 11.99 -0.32
CA TYR A 61 20.25 13.26 -0.83
C TYR A 61 20.53 14.22 0.30
N VAL A 62 19.62 14.28 1.26
CA VAL A 62 19.80 15.17 2.41
C VAL A 62 20.97 14.73 3.32
N LEU A 63 21.12 13.43 3.56
CA LEU A 63 22.31 12.87 4.23
C LEU A 63 23.58 13.34 3.53
N TRP A 64 23.63 13.24 2.19
CA TRP A 64 24.80 13.67 1.44
C TRP A 64 25.06 15.18 1.55
N LEU A 65 24.02 15.99 1.33
CA LEU A 65 24.14 17.43 1.47
C LEU A 65 24.68 17.84 2.84
N THR A 66 24.26 17.15 3.90
CA THR A 66 24.58 17.57 5.26
C THR A 66 25.71 16.73 5.89
N ASP A 67 26.54 16.08 5.07
CA ASP A 67 27.63 15.24 5.58
C ASP A 67 27.14 14.27 6.66
N ASN A 68 26.05 13.59 6.34
CA ASN A 68 25.42 12.65 7.27
C ASN A 68 24.89 13.18 8.59
N LYS A 69 24.71 14.48 8.71
CA LYS A 69 24.22 15.05 9.95
C LYS A 69 22.69 14.99 10.07
N VAL A 70 21.99 15.11 8.95
CA VAL A 70 20.53 15.16 8.95
C VAL A 70 19.93 13.94 8.24
N ARG A 71 19.25 13.11 9.03
CA ARG A 71 18.38 12.07 8.52
C ARG A 71 16.94 12.53 8.58
N THR A 72 16.26 12.51 7.42
CA THR A 72 14.85 12.87 7.34
C THR A 72 14.04 11.83 8.11
N TRP A 73 12.88 12.25 8.61
CA TRP A 73 11.92 11.35 9.17
C TRP A 73 10.58 11.65 8.55
N GLY A 74 9.71 10.65 8.61
CA GLY A 74 8.36 10.76 8.09
C GLY A 74 8.24 10.46 6.60
N ASN A 75 7.01 10.60 6.13
CA ASN A 75 6.63 10.43 4.74
C ASN A 75 7.03 11.67 3.93
N ALA A 76 6.91 11.58 2.61
CA ALA A 76 7.09 12.74 1.72
C ALA A 76 6.42 14.01 2.21
N LYS A 77 5.14 13.91 2.58
CA LYS A 77 4.37 15.10 2.95
C LYS A 77 4.87 15.72 4.23
N ASP A 78 5.51 14.91 5.06
CA ASP A 78 5.99 15.39 6.39
C ASP A 78 7.28 16.22 6.30
N GLN A 79 7.88 16.25 5.11
CA GLN A 79 9.15 16.97 4.92
C GLN A 79 9.02 18.47 5.09
N ILE A 80 7.84 19.01 4.77
CA ILE A 80 7.55 20.44 4.96
C ILE A 80 7.21 20.81 6.43
N LYS A 81 7.16 19.81 7.30
CA LYS A 81 6.89 20.01 8.71
C LYS A 81 8.13 19.86 9.57
N GLN A 82 9.29 19.75 8.94
CA GLN A 82 10.57 19.68 9.64
C GLN A 82 11.59 20.60 8.95
N SER A 83 12.76 20.77 9.54
CA SER A 83 13.82 21.57 8.94
C SER A 83 15.08 20.76 8.79
N TYR A 84 15.72 20.84 7.63
CA TYR A 84 16.95 20.13 7.39
C TYR A 84 18.14 20.95 7.88
N GLY A 85 17.86 22.18 8.30
CA GLY A 85 18.84 22.97 9.01
C GLY A 85 19.20 24.23 8.28
N THR A 86 20.35 24.78 8.64
CA THR A 86 20.74 26.12 8.18
C THR A 86 20.94 26.15 6.68
N GLY A 87 20.30 27.13 6.05
CA GLY A 87 20.42 27.36 4.64
C GLY A 87 19.40 26.60 3.79
N PHE A 88 18.65 25.69 4.41
CA PHE A 88 17.45 25.09 3.78
C PHE A 88 16.22 25.97 4.00
N LYS A 89 15.48 26.26 2.92
CA LYS A 89 14.33 27.14 3.03
C LYS A 89 13.13 26.52 2.36
N ILE A 90 11.98 26.52 3.02
CA ILE A 90 10.74 25.98 2.46
C ILE A 90 10.02 27.13 1.77
N HIS A 91 9.75 26.97 0.47
CA HIS A 91 8.98 27.94 -0.30
C HIS A 91 7.63 27.35 -0.67
N GLU A 92 6.54 28.07 -0.47
CA GLU A 92 5.28 27.73 -1.15
C GLU A 92 5.42 27.84 -2.66
N ASN A 93 4.78 26.93 -3.37
CA ASN A 93 4.69 27.03 -4.82
C ASN A 93 3.57 28.02 -5.17
N LYS A 94 3.97 29.23 -5.53
CA LYS A 94 3.07 30.20 -6.12
C LYS A 94 3.21 30.13 -7.63
N PRO A 95 2.20 30.62 -8.36
CA PRO A 95 2.18 30.33 -9.80
C PRO A 95 3.20 31.15 -10.61
N SER A 96 3.78 32.18 -9.98
CA SER A 96 5.07 32.72 -10.39
C SER A 96 6.26 31.77 -10.24
N THR A 97 6.20 30.85 -9.27
CA THR A 97 7.41 30.27 -8.64
C THR A 97 8.05 29.26 -9.57
N VAL A 98 9.30 29.54 -9.98
CA VAL A 98 10.11 28.59 -10.75
C VAL A 98 11.29 28.10 -9.88
N PRO A 99 11.39 26.77 -9.73
CA PRO A 99 12.45 26.18 -8.92
C PRO A 99 13.82 26.18 -9.59
N LYS A 100 14.85 25.86 -8.83
CA LYS A 100 16.18 25.70 -9.33
C LYS A 100 16.64 24.27 -9.20
N LYS A 101 17.60 23.93 -10.02
CA LYS A 101 18.15 22.59 -10.07
C LYS A 101 18.77 22.20 -8.72
N GLY A 102 18.42 21.01 -8.22
CA GLY A 102 18.85 20.55 -6.91
C GLY A 102 17.87 20.83 -5.78
N TRP A 103 16.87 21.69 -6.02
CA TRP A 103 15.81 21.91 -5.03
C TRP A 103 14.94 20.69 -4.93
N ILE A 104 14.18 20.58 -3.83
CA ILE A 104 13.34 19.41 -3.57
C ILE A 104 11.88 19.85 -3.80
N ALA A 105 11.17 19.08 -4.63
CA ALA A 105 9.77 19.36 -4.96
C ALA A 105 8.84 18.46 -4.14
N VAL A 106 7.87 19.06 -3.45
CA VAL A 106 6.99 18.35 -2.51
C VAL A 106 5.52 18.50 -2.94
N PHE A 107 4.88 17.36 -3.17
CA PHE A 107 3.50 17.29 -3.62
C PHE A 107 2.65 16.85 -2.45
N THR A 108 1.68 17.66 -2.06
CA THR A 108 0.84 17.34 -0.88
C THR A 108 -0.65 17.49 -1.10
N SER A 109 -1.10 17.81 -2.31
CA SER A 109 -2.53 17.95 -2.56
C SER A 109 -3.01 17.02 -3.66
N GLY A 110 -4.33 16.90 -3.76
CA GLY A 110 -4.96 16.01 -4.72
C GLY A 110 -4.71 14.55 -4.38
N SER A 111 -4.34 13.77 -5.39
CA SER A 111 -4.05 12.36 -5.18
C SER A 111 -2.83 12.16 -4.34
N TYR A 112 -1.97 13.18 -4.25
CA TYR A 112 -0.79 13.07 -3.41
C TYR A 112 -1.04 13.31 -1.94
N GLU A 113 -2.28 13.58 -1.52
CA GLU A 113 -2.50 14.03 -0.16
C GLU A 113 -2.12 13.01 0.93
N GLN A 114 -2.37 11.74 0.69
CA GLN A 114 -2.31 10.74 1.78
C GLN A 114 -0.91 10.56 2.35
N TRP A 115 0.08 10.38 1.47
CA TRP A 115 1.52 10.24 1.89
C TRP A 115 2.44 11.32 1.37
N GLY A 116 1.94 12.10 0.41
CA GLY A 116 2.77 12.99 -0.37
C GLY A 116 3.61 12.30 -1.41
N HIS A 117 4.17 13.11 -2.28
CA HIS A 117 5.21 12.71 -3.20
C HIS A 117 6.31 13.74 -3.16
N ILE A 118 7.52 13.32 -3.49
CA ILE A 118 8.71 14.14 -3.35
C ILE A 118 9.74 13.74 -4.43
N GLY A 119 10.55 14.69 -4.86
CA GLY A 119 11.62 14.43 -5.79
C GLY A 119 12.55 15.60 -5.85
N ILE A 120 13.56 15.50 -6.71
CA ILE A 120 14.59 16.53 -6.83
C ILE A 120 14.37 17.21 -8.17
N VAL A 121 14.41 18.55 -8.17
CA VAL A 121 14.34 19.33 -9.43
C VAL A 121 15.61 19.08 -10.24
N TYR A 122 15.44 18.45 -11.40
CA TYR A 122 16.53 18.22 -12.31
C TYR A 122 16.71 19.38 -13.30
N ASP A 123 15.62 19.92 -13.78
CA ASP A 123 15.67 21.13 -14.62
C ASP A 123 14.56 22.01 -14.15
N GLY A 124 14.86 23.26 -13.81
CA GLY A 124 13.88 24.17 -13.24
C GLY A 124 12.72 24.54 -14.18
N GLY A 125 12.96 24.43 -15.49
CA GLY A 125 11.89 24.54 -16.49
C GLY A 125 11.36 25.97 -16.58
N ASN A 126 10.04 26.05 -16.74
CA ASN A 126 9.34 27.34 -16.73
C ASN A 126 8.12 27.27 -15.80
N THR A 127 7.19 28.20 -15.95
CA THR A 127 6.00 28.22 -15.13
C THR A 127 5.05 27.09 -15.48
N SER A 128 5.24 26.47 -16.64
CA SER A 128 4.32 25.46 -17.11
C SER A 128 4.78 24.04 -16.66
N THR A 129 6.04 23.73 -16.92
CA THR A 129 6.58 22.40 -16.61
C THR A 129 7.99 22.51 -16.04
N PHE A 130 8.41 21.43 -15.40
CA PHE A 130 9.80 21.25 -15.03
C PHE A 130 10.11 19.76 -15.06
N THR A 131 11.40 19.42 -14.95
CA THR A 131 11.83 18.06 -14.92
C THR A 131 12.25 17.70 -13.52
N ILE A 132 11.63 16.64 -13.02
CA ILE A 132 11.88 16.08 -11.72
C ILE A 132 12.69 14.80 -11.85
N LEU A 133 13.52 14.55 -10.85
CA LEU A 133 14.15 13.26 -10.64
C LEU A 133 13.55 12.64 -9.39
N GLU A 134 12.95 11.48 -9.53
CA GLU A 134 12.16 10.93 -8.44
C GLU A 134 12.24 9.40 -8.44
N GLN A 135 11.87 8.82 -7.29
CA GLN A 135 11.54 7.38 -7.24
C GLN A 135 10.06 7.14 -7.08
N ASN A 136 9.65 6.01 -7.67
CA ASN A 136 8.35 5.42 -7.38
C ASN A 136 7.16 6.25 -7.80
N TRP A 137 7.31 6.97 -8.90
CA TRP A 137 6.11 7.48 -9.49
C TRP A 137 5.25 6.31 -10.12
N ASN A 138 5.84 5.15 -10.45
CA ASN A 138 5.07 3.95 -10.95
C ASN A 138 4.28 3.16 -9.90
N GLY A 139 4.53 3.43 -8.62
CA GLY A 139 3.88 2.69 -7.54
C GLY A 139 4.51 1.35 -7.13
N TYR A 140 5.37 0.74 -7.98
CA TYR A 140 5.91 -0.62 -7.73
C TYR A 140 7.16 -0.64 -6.85
N ALA A 141 7.70 0.55 -6.57
CA ALA A 141 8.87 0.70 -5.70
C ALA A 141 10.15 -0.04 -6.15
N ASN A 142 10.32 -0.19 -7.45
CA ASN A 142 11.34 -1.10 -8.01
C ASN A 142 12.41 -0.46 -8.88
N LYS A 143 12.15 0.76 -9.35
CA LYS A 143 13.04 1.40 -10.29
C LYS A 143 13.98 2.39 -9.58
N LYS A 144 15.14 2.59 -10.19
CA LYS A 144 16.08 3.63 -9.77
C LYS A 144 15.52 5.00 -10.04
N PRO A 145 16.17 6.05 -9.48
CA PRO A 145 15.66 7.39 -9.75
C PRO A 145 15.54 7.70 -11.24
N THR A 146 14.41 8.27 -11.62
CA THR A 146 14.07 8.44 -13.01
C THR A 146 13.52 9.84 -13.24
N LYS A 147 13.87 10.44 -14.38
CA LYS A 147 13.39 11.76 -14.74
C LYS A 147 12.02 11.73 -15.37
N ARG A 148 11.21 12.73 -15.03
CA ARG A 148 9.85 12.85 -15.54
C ARG A 148 9.52 14.32 -15.66
N VAL A 149 8.79 14.68 -16.71
CA VAL A 149 8.28 16.04 -16.85
C VAL A 149 7.02 16.17 -16.01
N ASP A 150 7.02 17.14 -15.08
CA ASP A 150 5.85 17.45 -14.26
C ASP A 150 5.21 18.79 -14.66
N ASN A 151 3.90 18.88 -14.49
CA ASN A 151 3.10 20.09 -14.76
C ASN A 151 2.66 20.89 -13.51
N TYR A 152 3.34 20.66 -12.38
CA TYR A 152 3.00 21.28 -11.09
C TYR A 152 1.70 20.84 -10.42
N TYR A 153 0.98 19.88 -11.00
CA TYR A 153 -0.26 19.41 -10.40
C TYR A 153 0.01 18.76 -9.05
N GLY A 154 -0.70 19.23 -8.04
CA GLY A 154 -0.51 18.74 -6.67
C GLY A 154 0.73 19.22 -5.91
N LEU A 155 1.57 20.04 -6.55
CA LEU A 155 2.85 20.45 -6.03
C LEU A 155 2.63 21.70 -5.20
N THR A 156 2.99 21.64 -3.93
CA THR A 156 2.64 22.68 -3.02
C THR A 156 3.83 23.45 -2.48
N HIS A 157 5.01 22.82 -2.45
CA HIS A 157 6.22 23.42 -1.84
C HIS A 157 7.48 23.01 -2.56
N PHE A 158 8.49 23.88 -2.49
CA PHE A 158 9.88 23.54 -2.84
C PHE A 158 10.75 23.74 -1.63
N ILE A 159 11.74 22.85 -1.43
CA ILE A 159 12.77 23.06 -0.42
C ILE A 159 14.01 23.47 -1.20
N GLU A 160 14.34 24.75 -1.06
CA GLU A 160 15.64 25.26 -1.41
C GLU A 160 16.77 24.69 -0.53
N ILE A 161 17.80 24.16 -1.18
CA ILE A 161 18.97 23.61 -0.50
CA ILE A 161 18.97 23.62 -0.50
C ILE A 161 20.14 24.61 -0.51
N PRO A 162 21.05 24.52 0.47
CA PRO A 162 22.24 25.38 0.43
C PRO A 162 23.20 24.99 -0.69
N VAL A 163 23.80 26.00 -1.33
CA VAL A 163 24.76 25.78 -2.41
C VAL A 163 26.03 26.56 -2.12
N LYS A 164 27.13 25.83 -2.02
CA LYS A 164 28.47 26.40 -1.86
C LYS A 164 28.97 27.07 -3.15
N ALA A 165 29.49 28.29 -3.02
CA ALA A 165 30.32 28.93 -4.09
C ALA A 165 31.45 28.03 -4.59
N ALA B 2 -11.23 -31.85 -5.52
CA ALA B 2 -10.27 -30.79 -5.91
C ALA B 2 -10.87 -29.38 -5.80
N LYS B 3 -9.97 -28.41 -5.64
CA LYS B 3 -10.37 -27.03 -5.41
C LYS B 3 -10.00 -26.26 -6.66
N THR B 4 -10.77 -25.22 -6.96
CA THR B 4 -10.48 -24.37 -8.10
C THR B 4 -9.35 -23.43 -7.70
N GLN B 5 -8.69 -22.84 -8.68
CA GLN B 5 -7.66 -21.85 -8.40
C GLN B 5 -8.21 -20.66 -7.62
N ALA B 6 -9.43 -20.22 -7.95
CA ALA B 6 -10.09 -19.16 -7.19
C ALA B 6 -10.24 -19.52 -5.71
N GLU B 7 -10.66 -20.74 -5.42
CA GLU B 7 -10.77 -21.21 -4.04
C GLU B 7 -9.43 -21.29 -3.33
N ILE B 8 -8.45 -21.84 -4.03
CA ILE B 8 -7.08 -21.89 -3.53
C ILE B 8 -6.59 -20.49 -3.20
N ASN B 9 -6.69 -19.56 -4.16
CA ASN B 9 -6.23 -18.19 -3.97
C ASN B 9 -6.89 -17.44 -2.80
N LYS B 10 -8.19 -17.62 -2.69
CA LYS B 10 -8.95 -17.12 -1.57
C LYS B 10 -8.44 -17.66 -0.24
N ARG B 11 -8.15 -18.96 -0.20
CA ARG B 11 -7.68 -19.55 1.03
C ARG B 11 -6.31 -19.04 1.45
N LEU B 12 -5.43 -18.78 0.48
CA LEU B 12 -4.10 -18.25 0.79
C LEU B 12 -4.15 -16.87 1.40
N ASP B 13 -5.01 -15.99 0.85
CA ASP B 13 -5.17 -14.66 1.43
C ASP B 13 -5.78 -14.78 2.82
N ALA B 14 -6.71 -15.71 3.03
CA ALA B 14 -7.32 -15.89 4.34
C ALA B 14 -6.32 -16.42 5.38
N TYR B 15 -5.41 -17.30 4.97
CA TYR B 15 -4.29 -17.68 5.86
C TYR B 15 -3.50 -16.44 6.31
N ALA B 16 -3.13 -15.59 5.35
CA ALA B 16 -2.28 -14.45 5.62
C ALA B 16 -3.00 -13.41 6.46
N LYS B 17 -4.32 -13.33 6.32
CA LYS B 17 -5.16 -12.37 7.05
C LYS B 17 -5.57 -12.86 8.44
N GLY B 18 -5.40 -14.15 8.69
CA GLY B 18 -5.82 -14.76 9.94
C GLY B 18 -7.29 -15.07 9.99
N THR B 19 -7.93 -15.23 8.82
CA THR B 19 -9.39 -15.43 8.75
C THR B 19 -9.77 -16.76 8.11
N VAL B 20 -8.78 -17.61 7.81
CA VAL B 20 -9.04 -18.89 7.15
C VAL B 20 -10.07 -19.74 7.89
N ASP B 21 -10.95 -20.40 7.13
CA ASP B 21 -11.91 -21.30 7.68
C ASP B 21 -11.20 -22.63 8.02
N SER B 22 -10.62 -22.68 9.20
CA SER B 22 -9.89 -23.84 9.66
C SER B 22 -10.18 -24.02 11.12
N PRO B 23 -10.46 -25.27 11.54
CA PRO B 23 -10.55 -25.57 12.97
C PRO B 23 -9.23 -25.61 13.71
N TYR B 24 -8.13 -25.44 12.99
CA TYR B 24 -6.79 -25.40 13.57
C TYR B 24 -6.20 -23.98 13.72
N ARG B 25 -6.97 -22.97 13.33
CA ARG B 25 -6.58 -21.60 13.51
C ARG B 25 -6.86 -21.17 14.97
N VAL B 26 -5.81 -20.67 15.61
CA VAL B 26 -5.91 -20.04 16.95
C VAL B 26 -6.84 -18.82 16.92
N LYS B 27 -7.85 -18.81 17.79
CA LYS B 27 -8.80 -17.69 17.89
C LYS B 27 -8.33 -16.68 18.89
N LYS B 28 -7.72 -17.16 19.98
CA LYS B 28 -7.24 -16.33 21.09
C LYS B 28 -5.87 -16.79 21.43
N ALA B 29 -5.01 -15.84 21.78
CA ALA B 29 -3.59 -16.08 21.93
C ALA B 29 -3.36 -17.27 22.87
N THR B 30 -2.64 -18.27 22.39
CA THR B 30 -2.60 -19.61 23.02
C THR B 30 -1.16 -20.01 23.32
N SER B 31 -0.96 -20.64 24.47
CA SER B 31 0.34 -21.17 24.86
CA SER B 31 0.33 -21.20 24.83
C SER B 31 0.19 -22.50 25.62
N TYR B 32 1.08 -23.42 25.31
CA TYR B 32 1.34 -24.62 26.10
C TYR B 32 2.81 -25.06 26.16
N ASP B 33 3.69 -24.51 25.31
CA ASP B 33 5.09 -24.95 25.23
C ASP B 33 6.03 -23.80 25.63
N PRO B 34 6.67 -23.89 26.81
CA PRO B 34 7.56 -22.81 27.26
C PRO B 34 8.71 -22.49 26.32
N SER B 35 9.04 -23.39 25.39
CA SER B 35 10.15 -23.17 24.46
C SER B 35 9.77 -22.25 23.32
N PHE B 36 8.47 -22.00 23.13
CA PHE B 36 7.99 -21.21 22.00
C PHE B 36 7.21 -20.00 22.46
N GLY B 37 7.09 -19.02 21.58
CA GLY B 37 6.28 -17.83 21.84
C GLY B 37 4.80 -18.12 21.80
N VAL B 38 4.04 -17.35 22.56
CA VAL B 38 2.57 -17.47 22.63
C VAL B 38 2.04 -17.36 21.22
N MET B 39 1.22 -18.32 20.78
CA MET B 39 0.68 -18.25 19.43
C MET B 39 -0.35 -17.13 19.34
N GLU B 40 -0.09 -16.22 18.42
CA GLU B 40 -1.07 -15.18 18.10
C GLU B 40 -2.31 -15.73 17.39
N ALA B 41 -3.42 -14.99 17.49
CA ALA B 41 -4.61 -15.31 16.73
C ALA B 41 -4.22 -15.40 15.27
N GLY B 42 -4.66 -16.48 14.62
CA GLY B 42 -4.39 -16.69 13.22
C GLY B 42 -3.33 -17.75 12.95
N ALA B 43 -2.51 -18.04 13.95
CA ALA B 43 -1.56 -19.15 13.87
C ALA B 43 -2.29 -20.46 13.65
N ILE B 44 -1.67 -21.34 12.88
CA ILE B 44 -2.19 -22.65 12.63
C ILE B 44 -1.42 -23.69 13.43
N ASP B 45 -2.15 -24.45 14.25
CA ASP B 45 -1.59 -25.57 15.02
C ASP B 45 -2.46 -26.79 14.78
N ALA B 46 -1.95 -27.70 13.97
CA ALA B 46 -2.72 -28.84 13.50
C ALA B 46 -2.47 -30.11 14.33
N ASP B 47 -1.37 -30.17 15.10
CA ASP B 47 -1.01 -31.39 15.84
C ASP B 47 -1.07 -31.25 17.38
N GLY B 48 -1.12 -30.03 17.89
CA GLY B 48 -1.08 -29.78 19.34
C GLY B 48 0.27 -29.93 19.99
N TYR B 49 1.33 -29.98 19.18
CA TYR B 49 2.70 -29.92 19.63
C TYR B 49 3.46 -28.73 19.01
N TYR B 50 4.43 -28.19 19.75
CA TYR B 50 5.44 -27.25 19.20
C TYR B 50 4.87 -25.92 18.70
N HIS B 51 3.68 -25.54 19.19
CA HIS B 51 2.98 -24.33 18.73
C HIS B 51 2.86 -24.39 17.20
N ALA B 52 3.15 -23.29 16.49
CA ALA B 52 2.76 -23.13 15.11
C ALA B 52 4.02 -23.23 14.23
N GLN B 53 4.25 -24.44 13.74
CA GLN B 53 5.45 -24.76 12.97
C GLN B 53 5.09 -24.69 11.49
N GLN B 55 5.21 -27.03 9.20
CA GLN B 55 4.41 -28.16 8.71
C GLN B 55 2.91 -28.09 9.10
N ASP B 56 2.59 -27.40 10.20
CA ASP B 56 1.18 -27.18 10.62
C ASP B 56 0.31 -26.54 9.54
N LEU B 57 0.85 -25.52 8.89
CA LEU B 57 0.20 -24.91 7.73
C LEU B 57 -0.14 -25.93 6.60
N ILE B 58 0.82 -26.79 6.26
CA ILE B 58 0.63 -27.76 5.18
C ILE B 58 -0.36 -28.82 5.59
N THR B 59 -0.29 -29.30 6.83
CA THR B 59 -1.26 -30.28 7.33
C THR B 59 -2.68 -29.76 7.12
N ASP B 60 -2.93 -28.53 7.54
CA ASP B 60 -4.23 -27.90 7.34
C ASP B 60 -4.61 -27.82 5.86
N TYR B 61 -3.68 -27.33 5.03
CA TYR B 61 -3.90 -27.05 3.62
C TYR B 61 -4.20 -28.32 2.89
N VAL B 62 -3.42 -29.36 3.15
CA VAL B 62 -3.67 -30.65 2.52
C VAL B 62 -5.00 -31.30 2.96
N LEU B 63 -5.32 -31.23 4.26
CA LEU B 63 -6.65 -31.66 4.75
C LEU B 63 -7.74 -30.96 3.98
N TRP B 64 -7.62 -29.64 3.79
CA TRP B 64 -8.64 -28.89 3.04
C TRP B 64 -8.71 -29.30 1.54
N LEU B 65 -7.56 -29.36 0.88
CA LEU B 65 -7.52 -29.82 -0.51
C LEU B 65 -8.17 -31.19 -0.73
N THR B 66 -8.00 -32.10 0.24
CA THR B 66 -8.45 -33.50 0.08
C THR B 66 -9.73 -33.78 0.88
N ASP B 67 -10.51 -32.77 1.22
CA ASP B 67 -11.78 -32.97 1.95
C ASP B 67 -11.58 -33.84 3.20
N ASN B 68 -10.53 -33.50 3.95
CA ASN B 68 -10.15 -34.23 5.14
C ASN B 68 -9.74 -35.68 4.99
N LYS B 69 -9.42 -36.12 3.78
CA LYS B 69 -9.02 -37.49 3.57
C LYS B 69 -7.54 -37.75 3.87
N VAL B 70 -6.69 -36.76 3.62
CA VAL B 70 -5.26 -36.94 3.77
C VAL B 70 -4.75 -36.02 4.91
N ARG B 71 -4.29 -36.66 5.98
CA ARG B 71 -3.49 -36.03 7.01
C ARG B 71 -2.01 -36.34 6.79
N THR B 72 -1.21 -35.30 6.65
CA THR B 72 0.24 -35.46 6.49
C THR B 72 0.82 -36.04 7.77
N TRP B 73 1.92 -36.76 7.64
CA TRP B 73 2.70 -37.18 8.79
C TRP B 73 4.13 -36.81 8.55
N GLY B 74 4.87 -36.75 9.64
CA GLY B 74 6.27 -36.40 9.62
C GLY B 74 6.58 -34.91 9.61
N ASN B 75 7.88 -34.62 9.56
CA ASN B 75 8.42 -33.29 9.49
C ASN B 75 8.28 -32.74 8.07
N ALA B 76 8.57 -31.45 7.90
CA ALA B 76 8.64 -30.81 6.57
C ALA B 76 9.37 -31.65 5.53
N LYS B 77 10.58 -32.13 5.88
CA LYS B 77 11.41 -32.84 4.91
C LYS B 77 10.81 -34.18 4.50
N ASP B 78 9.95 -34.73 5.36
CA ASP B 78 9.38 -36.07 5.12
C ASP B 78 8.22 -36.02 4.13
N GLN B 79 7.80 -34.80 3.74
CA GLN B 79 6.66 -34.63 2.85
C GLN B 79 6.92 -35.16 1.43
N ILE B 80 8.18 -35.11 1.01
CA ILE B 80 8.61 -35.65 -0.28
C ILE B 80 8.79 -37.17 -0.30
N LYS B 81 8.59 -37.81 0.85
CA LYS B 81 8.70 -39.25 1.00
C LYS B 81 7.34 -39.92 1.16
N GLN B 82 6.28 -39.16 0.96
CA GLN B 82 4.92 -39.69 1.00
C GLN B 82 4.14 -39.09 -0.16
N SER B 83 2.93 -39.56 -0.37
CA SER B 83 2.07 -39.04 -1.44
C SER B 83 0.77 -38.58 -0.86
N TYR B 84 0.32 -37.42 -1.30
CA TYR B 84 -0.96 -36.90 -0.84
C TYR B 84 -2.10 -37.42 -1.72
N GLY B 85 -1.75 -38.15 -2.76
CA GLY B 85 -2.71 -38.94 -3.51
C GLY B 85 -2.77 -38.51 -4.95
N THR B 86 -3.85 -38.88 -5.60
CA THR B 86 -3.99 -38.69 -7.03
C THR B 86 -4.00 -37.21 -7.41
N GLY B 87 -3.17 -36.87 -8.39
CA GLY B 87 -3.10 -35.52 -8.91
C GLY B 87 -2.09 -34.64 -8.20
N PHE B 88 -1.53 -35.12 -7.08
CA PHE B 88 -0.36 -34.49 -6.46
C PHE B 88 0.93 -35.02 -7.09
N LYS B 89 1.83 -34.11 -7.49
CA LYS B 89 3.03 -34.52 -8.16
C LYS B 89 4.21 -33.86 -7.52
N ILE B 90 5.23 -34.62 -7.19
CA ILE B 90 6.46 -34.09 -6.63
C ILE B 90 7.39 -33.76 -7.79
N HIS B 91 7.83 -32.51 -7.87
CA HIS B 91 8.81 -32.06 -8.85
C HIS B 91 10.12 -31.70 -8.15
N GLU B 92 11.25 -32.17 -8.67
CA GLU B 92 12.54 -31.58 -8.29
C GLU B 92 12.62 -30.13 -8.73
N ASN B 93 13.24 -29.30 -7.92
CA ASN B 93 13.55 -27.93 -8.31
C ASN B 93 14.81 -27.92 -9.18
N LYS B 94 14.60 -27.81 -10.47
CA LYS B 94 15.68 -27.56 -11.42
C LYS B 94 15.74 -26.07 -11.70
N PRO B 95 16.88 -25.57 -12.18
CA PRO B 95 17.08 -24.11 -12.20
C PRO B 95 16.28 -23.39 -13.31
N SER B 96 15.75 -24.17 -14.26
CA SER B 96 14.59 -23.76 -15.04
C SER B 96 13.29 -23.57 -14.24
N THR B 97 13.12 -24.31 -13.14
CA THR B 97 11.77 -24.65 -12.61
C THR B 97 11.16 -23.44 -11.90
N VAL B 98 10.03 -22.97 -12.43
CA VAL B 98 9.21 -21.93 -11.79
C VAL B 98 7.88 -22.52 -11.30
N PRO B 99 7.58 -22.35 -10.01
CA PRO B 99 6.38 -22.91 -9.42
C PRO B 99 5.11 -22.12 -9.76
N LYS B 100 3.97 -22.69 -9.44
CA LYS B 100 2.69 -22.03 -9.60
C LYS B 100 2.07 -21.79 -8.23
N LYS B 101 1.18 -20.81 -8.20
CA LYS B 101 0.49 -20.42 -7.00
C LYS B 101 -0.32 -21.56 -6.45
N GLY B 102 -0.18 -21.82 -5.14
CA GLY B 102 -0.83 -22.94 -4.48
C GLY B 102 0.02 -24.20 -4.36
N TRP B 103 1.13 -24.26 -5.10
CA TRP B 103 2.06 -25.39 -4.97
C TRP B 103 2.77 -25.31 -3.66
N ILE B 104 3.34 -26.42 -3.20
CA ILE B 104 4.00 -26.52 -1.90
C ILE B 104 5.51 -26.55 -2.13
N ALA B 105 6.25 -25.68 -1.44
CA ALA B 105 7.70 -25.55 -1.61
C ALA B 105 8.40 -26.22 -0.44
N VAL B 106 9.33 -27.15 -0.74
CA VAL B 106 9.97 -27.99 0.27
C VAL B 106 11.48 -27.76 0.23
N PHE B 107 12.03 -27.37 1.38
CA PHE B 107 13.44 -27.06 1.53
C PHE B 107 14.04 -28.19 2.32
N THR B 108 15.03 -28.87 1.74
CA THR B 108 15.66 -30.01 2.42
C THR B 108 17.18 -29.99 2.46
N SER B 109 17.82 -28.96 1.93
CA SER B 109 19.29 -28.88 1.96
C SER B 109 19.79 -27.66 2.71
N GLY B 110 21.10 -27.67 2.98
CA GLY B 110 21.74 -26.61 3.75
C GLY B 110 21.29 -26.60 5.19
N SER B 111 20.97 -25.42 5.70
CA SER B 111 20.50 -25.30 7.07
C SER B 111 19.16 -25.92 7.27
N TYR B 112 18.43 -26.14 6.18
CA TYR B 112 17.15 -26.79 6.28
C TYR B 112 17.21 -28.31 6.38
N GLU B 113 18.39 -28.90 6.38
CA GLU B 113 18.49 -30.34 6.24
C GLU B 113 17.84 -31.14 7.40
N GLN B 114 17.98 -30.66 8.63
CA GLN B 114 17.66 -31.47 9.79
C GLN B 114 16.19 -31.82 9.88
N TRP B 115 15.31 -30.84 9.75
CA TRP B 115 13.85 -31.05 9.78
C TRP B 115 13.12 -30.69 8.51
N GLY B 116 13.83 -29.98 7.63
CA GLY B 116 13.21 -29.33 6.48
C GLY B 116 12.47 -28.06 6.81
N HIS B 117 12.12 -27.33 5.76
CA HIS B 117 11.16 -26.25 5.84
C HIS B 117 10.18 -26.40 4.68
N ILE B 118 8.98 -25.86 4.84
CA ILE B 118 7.90 -26.04 3.90
C ILE B 118 7.00 -24.77 3.92
N GLY B 119 6.36 -24.48 2.80
CA GLY B 119 5.40 -23.43 2.71
C GLY B 119 4.63 -23.53 1.44
N ILE B 120 3.74 -22.59 1.21
CA ILE B 120 2.87 -22.57 0.05
C ILE B 120 3.33 -21.44 -0.87
N VAL B 121 3.45 -21.75 -2.17
CA VAL B 121 3.80 -20.72 -3.17
C VAL B 121 2.63 -19.73 -3.29
N TYR B 122 2.87 -18.49 -2.89
CA TYR B 122 1.89 -17.44 -3.00
C TYR B 122 1.97 -16.71 -4.34
N ASP B 123 3.18 -16.48 -4.82
CA ASP B 123 3.38 -15.96 -6.18
C ASP B 123 4.52 -16.73 -6.77
N GLY B 124 4.32 -17.30 -7.96
CA GLY B 124 5.31 -18.14 -8.59
C GLY B 124 6.61 -17.44 -8.98
N GLY B 125 6.56 -16.11 -9.16
CA GLY B 125 7.75 -15.29 -9.32
C GLY B 125 8.47 -15.57 -10.63
N ASN B 126 9.79 -15.58 -10.57
CA ASN B 126 10.64 -15.95 -11.71
C ASN B 126 11.70 -16.97 -11.28
N THR B 127 12.74 -17.14 -12.08
CA THR B 127 13.82 -18.06 -11.75
C THR B 127 14.66 -17.57 -10.60
N SER B 128 14.57 -16.28 -10.26
CA SER B 128 15.42 -15.69 -9.23
CA SER B 128 15.42 -15.70 -9.25
C SER B 128 14.74 -15.77 -7.86
N THR B 129 13.49 -15.29 -7.79
CA THR B 129 12.75 -15.24 -6.52
C THR B 129 11.31 -15.67 -6.70
N PHE B 130 10.68 -16.01 -5.58
CA PHE B 130 9.25 -16.19 -5.54
C PHE B 130 8.76 -15.81 -4.14
N THR B 131 7.45 -15.69 -3.99
CA THR B 131 6.86 -15.38 -2.71
C THR B 131 6.23 -16.62 -2.13
N ILE B 132 6.65 -16.93 -0.93
CA ILE B 132 6.16 -18.06 -0.14
C ILE B 132 5.23 -17.56 0.96
N LEU B 133 4.25 -18.37 1.29
CA LEU B 133 3.43 -18.22 2.49
C LEU B 133 3.82 -19.36 3.42
N GLU B 134 4.28 -19.03 4.61
CA GLU B 134 4.85 -20.03 5.48
C GLU B 134 4.61 -19.68 6.93
N GLN B 135 4.73 -20.70 7.79
CA GLN B 135 4.87 -20.46 9.24
C GLN B 135 6.26 -20.72 9.73
N ASN B 136 6.61 -19.97 10.76
CA ASN B 136 7.80 -20.24 11.57
C ASN B 136 9.13 -20.13 10.86
N TRP B 137 9.22 -19.21 9.93
CA TRP B 137 10.54 -18.90 9.46
C TRP B 137 11.35 -18.13 10.59
N ASN B 138 10.68 -17.47 11.55
CA ASN B 138 11.36 -16.81 12.70
C ASN B 138 11.90 -17.73 13.79
N GLY B 139 11.52 -19.01 13.76
CA GLY B 139 11.91 -19.94 14.81
C GLY B 139 11.08 -19.96 16.12
N TYR B 140 10.29 -18.91 16.39
CA TYR B 140 9.56 -18.78 17.68
C TYR B 140 8.20 -19.48 17.69
N ALA B 141 7.76 -19.96 16.53
CA ALA B 141 6.52 -20.73 16.38
C ALA B 141 5.23 -20.03 16.84
N ASN B 142 5.21 -18.70 16.70
CA ASN B 142 4.19 -17.85 17.32
C ASN B 142 3.33 -17.04 16.35
N LYS B 143 3.79 -16.89 15.12
CA LYS B 143 3.12 -16.03 14.18
C LYS B 143 2.20 -16.84 13.26
N LYS B 144 1.16 -16.16 12.75
CA LYS B 144 0.31 -16.70 11.72
C LYS B 144 1.06 -16.82 10.40
N PRO B 145 0.46 -17.51 9.40
CA PRO B 145 1.16 -17.60 8.13
C PRO B 145 1.50 -16.25 7.51
N THR B 146 2.72 -16.13 7.03
CA THR B 146 3.28 -14.86 6.64
C THR B 146 4.02 -15.00 5.32
N LYS B 147 3.90 -13.98 4.48
CA LYS B 147 4.56 -13.97 3.19
C LYS B 147 6.00 -13.51 3.29
N ARG B 148 6.87 -14.12 2.51
CA ARG B 148 8.30 -13.83 2.49
C ARG B 148 8.81 -14.08 1.08
N VAL B 149 9.72 -13.23 0.62
CA VAL B 149 10.39 -13.43 -0.65
C VAL B 149 11.52 -14.42 -0.42
N ASP B 150 11.51 -15.53 -1.16
CA ASP B 150 12.58 -16.53 -1.13
C ASP B 150 13.43 -16.51 -2.43
N ASN B 151 14.72 -16.82 -2.27
CA ASN B 151 15.68 -16.93 -3.40
C ASN B 151 16.03 -18.38 -3.85
N TYR B 152 15.19 -19.35 -3.47
CA TYR B 152 15.41 -20.77 -3.76
C TYR B 152 16.56 -21.47 -3.03
N TYR B 153 17.23 -20.77 -2.12
CA TYR B 153 18.30 -21.38 -1.37
C TYR B 153 17.77 -22.51 -0.51
N GLY B 154 18.39 -23.67 -0.65
CA GLY B 154 17.97 -24.87 0.08
C GLY B 154 16.70 -25.57 -0.39
N LEU B 155 16.05 -25.04 -1.42
CA LEU B 155 14.77 -25.50 -1.91
C LEU B 155 15.03 -26.60 -2.92
N THR B 156 14.50 -27.79 -2.64
CA THR B 156 14.84 -28.96 -3.41
C THR B 156 13.66 -29.53 -4.21
N HIS B 157 12.42 -29.28 -3.78
CA HIS B 157 11.22 -29.85 -4.39
C HIS B 157 10.03 -28.91 -4.33
N PHE B 158 9.13 -29.08 -5.30
CA PHE B 158 7.78 -28.51 -5.23
C PHE B 158 6.78 -29.65 -5.28
N ILE B 159 5.68 -29.55 -4.53
CA ILE B 159 4.56 -30.44 -4.68
C ILE B 159 3.48 -29.66 -5.42
N GLU B 160 3.29 -30.05 -6.68
CA GLU B 160 2.13 -29.66 -7.45
C GLU B 160 0.83 -30.27 -6.88
N ILE B 161 -0.17 -29.41 -6.65
CA ILE B 161 -1.47 -29.83 -6.15
CA ILE B 161 -1.48 -29.82 -6.15
C ILE B 161 -2.51 -29.89 -7.27
N PRO B 162 -3.55 -30.72 -7.10
CA PRO B 162 -4.60 -30.78 -8.14
C PRO B 162 -5.43 -29.51 -8.14
N VAL B 163 -5.79 -29.04 -9.33
CA VAL B 163 -6.60 -27.83 -9.48
C VAL B 163 -7.79 -28.12 -10.39
N LYS B 164 -8.98 -27.94 -9.83
CA LYS B 164 -10.23 -28.09 -10.54
C LYS B 164 -10.44 -26.93 -11.52
N ALA B 165 -10.82 -27.25 -12.76
CA ALA B 165 -11.41 -26.25 -13.71
C ALA B 165 -12.58 -25.46 -13.11
N ALA C 2 -14.73 -6.43 -38.42
CA ALA C 2 -15.13 -6.87 -37.05
C ALA C 2 -14.02 -7.68 -36.35
N LYS C 3 -14.12 -7.76 -35.03
CA LYS C 3 -13.14 -8.47 -34.22
C LYS C 3 -13.81 -9.66 -33.57
N THR C 4 -13.02 -10.69 -33.31
CA THR C 4 -13.55 -11.88 -32.67
C THR C 4 -13.66 -11.61 -31.18
N GLN C 5 -14.44 -12.41 -30.46
CA GLN C 5 -14.53 -12.25 -29.01
C GLN C 5 -13.19 -12.47 -28.32
N ALA C 6 -12.40 -13.41 -28.82
CA ALA C 6 -11.05 -13.59 -28.32
C ALA C 6 -10.20 -12.31 -28.46
N GLU C 7 -10.29 -11.64 -29.60
CA GLU C 7 -9.54 -10.39 -29.84
C GLU C 7 -10.02 -9.27 -28.93
N ILE C 8 -11.33 -9.15 -28.82
CA ILE C 8 -11.95 -8.21 -27.91
C ILE C 8 -11.45 -8.45 -26.49
N ASN C 9 -11.56 -9.69 -26.01
CA ASN C 9 -11.17 -10.01 -24.63
C ASN C 9 -9.71 -9.74 -24.32
N LYS C 10 -8.86 -10.09 -25.27
CA LYS C 10 -7.45 -9.76 -25.21
C LYS C 10 -7.21 -8.26 -25.10
N ARG C 11 -7.92 -7.49 -25.92
CA ARG C 11 -7.73 -6.05 -25.91
C ARG C 11 -8.14 -5.42 -24.59
N LEU C 12 -9.21 -5.94 -23.96
CA LEU C 12 -9.66 -5.40 -22.67
C LEU C 12 -8.60 -5.61 -21.58
N ASP C 13 -8.00 -6.81 -21.54
CA ASP C 13 -6.94 -7.06 -20.57
C ASP C 13 -5.73 -6.18 -20.87
N ALA C 14 -5.43 -5.96 -22.14
CA ALA C 14 -4.30 -5.10 -22.50
C ALA C 14 -4.55 -3.63 -22.11
N TYR C 15 -5.79 -3.15 -22.26
CA TYR C 15 -6.14 -1.82 -21.74
C TYR C 15 -5.83 -1.73 -20.25
N ALA C 16 -6.29 -2.72 -19.49
CA ALA C 16 -6.15 -2.72 -18.05
C ALA C 16 -4.68 -2.85 -17.61
N LYS C 17 -3.88 -3.55 -18.42
CA LYS C 17 -2.47 -3.77 -18.14
C LYS C 17 -1.57 -2.63 -18.60
N GLY C 18 -2.09 -1.77 -19.48
CA GLY C 18 -1.30 -0.69 -20.07
C GLY C 18 -0.45 -1.15 -21.23
N THR C 19 -0.86 -2.24 -21.89
CA THR C 19 -0.07 -2.79 -22.98
C THR C 19 -0.81 -2.80 -24.31
N VAL C 20 -2.02 -2.23 -24.35
CA VAL C 20 -2.84 -2.24 -25.56
C VAL C 20 -2.09 -1.68 -26.78
N ASP C 21 -2.31 -2.29 -27.94
CA ASP C 21 -1.72 -1.82 -29.19
C ASP C 21 -2.54 -0.63 -29.72
N SER C 22 -2.20 0.56 -29.24
CA SER C 22 -2.92 1.76 -29.58
C SER C 22 -1.95 2.88 -29.75
N PRO C 23 -2.10 3.70 -30.83
CA PRO C 23 -1.30 4.91 -30.95
C PRO C 23 -1.73 6.05 -30.05
N TYR C 24 -2.81 5.86 -29.29
CA TYR C 24 -3.29 6.85 -28.32
C TYR C 24 -2.95 6.48 -26.89
N ARG C 25 -2.24 5.38 -26.68
CA ARG C 25 -1.71 5.03 -25.37
C ARG C 25 -0.43 5.84 -25.06
N VAL C 26 -0.46 6.52 -23.93
CA VAL C 26 0.68 7.21 -23.39
C VAL C 26 1.82 6.23 -23.05
N LYS C 27 3.01 6.49 -23.59
CA LYS C 27 4.19 5.61 -23.42
C LYS C 27 5.00 6.08 -22.23
N LYS C 28 5.04 7.40 -22.05
CA LYS C 28 5.82 8.04 -21.01
C LYS C 28 4.99 9.17 -20.47
N ALA C 29 5.11 9.37 -19.17
CA ALA C 29 4.21 10.22 -18.43
C ALA C 29 4.10 11.61 -19.10
N THR C 30 2.88 12.00 -19.47
CA THR C 30 2.61 13.11 -20.41
C THR C 30 1.66 14.17 -19.80
N SER C 31 1.93 15.44 -20.08
CA SER C 31 1.07 16.54 -19.65
C SER C 31 1.05 17.66 -20.73
N TYR C 32 -0.12 18.26 -20.83
CA TYR C 32 -0.32 19.55 -21.49
C TYR C 32 -1.35 20.46 -20.80
N ASP C 33 -2.07 19.97 -19.80
CA ASP C 33 -3.17 20.70 -19.19
C ASP C 33 -2.81 20.81 -17.71
N PRO C 34 -2.57 22.06 -17.21
CA PRO C 34 -2.24 22.27 -15.81
C PRO C 34 -3.34 21.84 -14.84
N SER C 35 -4.58 21.67 -15.31
CA SER C 35 -5.76 21.34 -14.48
CA SER C 35 -5.73 21.36 -14.42
C SER C 35 -6.01 19.87 -14.23
N PHE C 36 -5.22 19.01 -14.86
CA PHE C 36 -5.30 17.57 -14.68
C PHE C 36 -3.97 17.02 -14.22
N GLY C 37 -4.00 15.81 -13.66
CA GLY C 37 -2.79 15.09 -13.32
C GLY C 37 -2.05 14.60 -14.56
N VAL C 38 -0.74 14.52 -14.44
CA VAL C 38 0.15 14.04 -15.50
C VAL C 38 -0.35 12.64 -15.86
N MET C 39 -0.54 12.38 -17.15
CA MET C 39 -1.03 11.05 -17.58
C MET C 39 0.06 9.98 -17.45
N GLU C 40 -0.25 8.92 -16.73
CA GLU C 40 0.66 7.80 -16.57
C GLU C 40 0.68 6.96 -17.83
N ALA C 41 1.78 6.22 -17.99
CA ALA C 41 1.90 5.28 -19.07
C ALA C 41 0.71 4.35 -19.01
N GLY C 42 0.09 4.19 -20.15
CA GLY C 42 -1.09 3.35 -20.27
C GLY C 42 -2.39 4.08 -20.37
N ALA C 43 -2.44 5.34 -19.95
CA ALA C 43 -3.58 6.21 -20.20
C ALA C 43 -3.84 6.38 -21.68
N ILE C 44 -5.12 6.46 -22.01
CA ILE C 44 -5.54 6.67 -23.38
C ILE C 44 -6.04 8.10 -23.59
N ASP C 45 -5.42 8.81 -24.52
CA ASP C 45 -5.80 10.16 -24.90
C ASP C 45 -5.96 10.23 -26.41
N ALA C 46 -7.20 10.29 -26.86
CA ALA C 46 -7.51 10.13 -28.28
C ALA C 46 -7.78 11.46 -28.96
N ASP C 47 -8.09 12.51 -28.20
CA ASP C 47 -8.43 13.81 -28.80
C ASP C 47 -7.36 14.91 -28.59
N GLY C 48 -6.44 14.68 -27.68
CA GLY C 48 -5.43 15.68 -27.36
C GLY C 48 -5.94 16.81 -26.50
N TYR C 49 -7.08 16.62 -25.83
CA TYR C 49 -7.63 17.58 -24.87
C TYR C 49 -7.98 16.90 -23.56
N TYR C 50 -7.86 17.63 -22.46
CA TYR C 50 -8.37 17.19 -21.12
C TYR C 50 -7.69 15.96 -20.52
N HIS C 51 -6.47 15.67 -20.97
CA HIS C 51 -5.79 14.42 -20.61
C HIS C 51 -6.73 13.21 -20.88
N ALA C 52 -6.80 12.24 -19.98
CA ALA C 52 -7.36 10.91 -20.26
C ALA C 52 -8.72 10.75 -19.61
N GLN C 53 -9.73 11.01 -20.39
CA GLN C 53 -11.11 11.07 -19.90
C GLN C 53 -11.80 9.77 -20.29
N GLN C 55 -14.35 9.14 -22.29
CA GLN C 55 -14.69 8.93 -23.71
C GLN C 55 -13.45 8.61 -24.57
N ASP C 56 -12.26 9.03 -24.13
CA ASP C 56 -11.04 8.69 -24.82
C ASP C 56 -10.88 7.18 -25.08
N LEU C 57 -11.18 6.39 -24.04
CA LEU C 57 -11.16 4.94 -24.13
C LEU C 57 -12.06 4.40 -25.23
N ILE C 58 -13.26 4.94 -25.31
CA ILE C 58 -14.26 4.49 -26.29
C ILE C 58 -13.87 4.93 -27.70
N THR C 59 -13.36 6.15 -27.83
CA THR C 59 -12.86 6.63 -29.14
C THR C 59 -11.83 5.65 -29.72
N ASP C 60 -10.85 5.28 -28.91
CA ASP C 60 -9.85 4.29 -29.27
C ASP C 60 -10.45 2.92 -29.63
N TYR C 61 -11.33 2.42 -28.75
CA TYR C 61 -11.94 1.11 -28.89
C TYR C 61 -12.73 1.04 -30.17
N VAL C 62 -13.55 2.06 -30.43
CA VAL C 62 -14.39 2.07 -31.62
C VAL C 62 -13.57 2.21 -32.91
N LEU C 63 -12.54 3.06 -32.92
CA LEU C 63 -11.57 3.10 -34.01
C LEU C 63 -11.01 1.70 -34.28
N TRP C 64 -10.61 0.98 -33.23
CA TRP C 64 -10.05 -0.37 -33.41
C TRP C 64 -11.07 -1.33 -33.97
N LEU C 65 -12.26 -1.35 -33.39
CA LEU C 65 -13.32 -2.23 -33.85
C LEU C 65 -13.63 -2.00 -35.31
N THR C 66 -13.59 -0.75 -35.77
CA THR C 66 -14.00 -0.41 -37.15
C THR C 66 -12.83 -0.21 -38.11
N ASP C 67 -11.65 -0.72 -37.79
CA ASP C 67 -10.47 -0.53 -38.63
C ASP C 67 -10.27 0.93 -38.99
N ASN C 68 -10.33 1.78 -37.97
CA ASN C 68 -10.15 3.22 -38.12
C ASN C 68 -11.15 3.95 -39.01
N LYS C 69 -12.29 3.32 -39.32
CA LYS C 69 -13.32 3.97 -40.14
C LYS C 69 -14.23 4.91 -39.35
N VAL C 70 -14.49 4.59 -38.07
CA VAL C 70 -15.41 5.37 -37.24
C VAL C 70 -14.69 6.03 -36.06
N ARG C 71 -14.61 7.36 -36.13
CA ARG C 71 -14.23 8.20 -35.00
C ARG C 71 -15.47 8.75 -34.31
N THR C 72 -15.58 8.49 -33.02
CA THR C 72 -16.69 9.02 -32.23
C THR C 72 -16.58 10.55 -32.17
N TRP C 73 -17.72 11.23 -32.07
CA TRP C 73 -17.80 12.66 -31.80
C TRP C 73 -18.56 12.84 -30.51
N GLY C 74 -18.28 13.94 -29.82
CA GLY C 74 -19.06 14.35 -28.67
C GLY C 74 -18.58 13.77 -27.36
N ASN C 75 -19.31 14.11 -26.34
CA ASN C 75 -19.11 13.60 -24.98
C ASN C 75 -19.64 12.19 -24.82
N ALA C 76 -19.35 11.57 -23.68
CA ALA C 76 -19.90 10.28 -23.31
C ALA C 76 -21.41 10.17 -23.61
N LYS C 77 -22.19 11.16 -23.16
CA LYS C 77 -23.65 11.08 -23.29
C LYS C 77 -24.13 11.17 -24.74
N ASP C 78 -23.30 11.73 -25.60
CA ASP C 78 -23.65 11.88 -27.02
C ASP C 78 -23.52 10.61 -27.83
N GLN C 79 -22.95 9.56 -27.22
CA GLN C 79 -22.65 8.32 -27.96
C GLN C 79 -23.91 7.57 -28.35
N ILE C 80 -24.98 7.75 -27.56
CA ILE C 80 -26.30 7.17 -27.88
C ILE C 80 -27.09 7.98 -28.92
N LYS C 81 -26.53 9.10 -29.37
CA LYS C 81 -27.16 9.96 -30.38
C LYS C 81 -26.49 9.86 -31.72
N GLN C 82 -25.57 8.90 -31.86
CA GLN C 82 -24.90 8.61 -33.12
C GLN C 82 -24.84 7.09 -33.33
N SER C 83 -24.41 6.67 -34.51
CA SER C 83 -24.30 5.25 -34.82
C SER C 83 -22.89 4.94 -35.24
N TYR C 84 -22.34 3.87 -34.69
CA TYR C 84 -20.99 3.45 -35.05
C TYR C 84 -21.01 2.55 -36.29
N GLY C 85 -22.21 2.23 -36.77
CA GLY C 85 -22.39 1.66 -38.08
C GLY C 85 -23.07 0.32 -37.97
N THR C 86 -22.93 -0.46 -39.03
CA THR C 86 -23.65 -1.71 -39.15
C THR C 86 -23.19 -2.71 -38.10
N GLY C 87 -24.17 -3.32 -37.44
CA GLY C 87 -23.91 -4.33 -36.45
C GLY C 87 -23.74 -3.80 -35.03
N PHE C 88 -23.62 -2.48 -34.89
CA PHE C 88 -23.73 -1.84 -33.57
C PHE C 88 -25.18 -1.55 -33.23
N LYS C 89 -25.61 -1.90 -32.02
CA LYS C 89 -27.01 -1.72 -31.65
C LYS C 89 -27.09 -1.06 -30.31
N ILE C 90 -27.91 -0.02 -30.19
CA ILE C 90 -28.12 0.66 -28.93
C ILE C 90 -29.30 -0.01 -28.22
N HIS C 91 -29.06 -0.49 -26.99
CA HIS C 91 -30.10 -1.09 -26.14
C HIS C 91 -30.34 -0.18 -24.96
N GLU C 92 -31.60 0.11 -24.64
CA GLU C 92 -31.95 0.64 -23.33
C GLU C 92 -31.61 -0.36 -22.24
N ASN C 93 -31.13 0.14 -21.10
CA ASN C 93 -30.95 -0.68 -19.91
C ASN C 93 -32.29 -0.84 -19.22
N LYS C 94 -32.90 -2.00 -19.42
CA LYS C 94 -34.07 -2.41 -18.66
C LYS C 94 -33.61 -3.29 -17.51
N PRO C 95 -34.43 -3.43 -16.45
CA PRO C 95 -33.91 -4.03 -15.22
C PRO C 95 -33.75 -5.54 -15.32
N SER C 96 -34.33 -6.14 -16.36
CA SER C 96 -33.90 -7.43 -16.87
C SER C 96 -32.47 -7.45 -17.46
N THR C 97 -32.01 -6.32 -18.00
CA THR C 97 -30.98 -6.32 -19.06
C THR C 97 -29.61 -6.60 -18.44
N VAL C 98 -29.00 -7.70 -18.88
CA VAL C 98 -27.61 -8.03 -18.52
C VAL C 98 -26.71 -7.94 -19.77
N PRO C 99 -25.66 -7.13 -19.68
CA PRO C 99 -24.78 -6.88 -20.83
C PRO C 99 -23.83 -8.05 -21.08
N LYS C 100 -23.15 -8.00 -22.21
CA LYS C 100 -22.10 -8.95 -22.51
C LYS C 100 -20.74 -8.24 -22.56
N LYS C 101 -19.69 -9.04 -22.37
CA LYS C 101 -18.34 -8.57 -22.37
C LYS C 101 -17.98 -7.93 -23.73
N GLY C 102 -17.41 -6.74 -23.68
CA GLY C 102 -17.08 -5.98 -24.89
C GLY C 102 -18.13 -4.95 -25.29
N TRP C 103 -19.33 -5.04 -24.75
CA TRP C 103 -20.34 -4.00 -24.94
C TRP C 103 -19.91 -2.70 -24.24
N ILE C 104 -20.48 -1.58 -24.66
CA ILE C 104 -20.18 -0.27 -24.13
C ILE C 104 -21.32 0.12 -23.21
N ALA C 105 -20.99 0.50 -21.99
CA ALA C 105 -21.96 0.97 -20.99
C ALA C 105 -22.00 2.51 -20.94
N VAL C 106 -23.20 3.08 -21.09
CA VAL C 106 -23.40 4.52 -21.17
C VAL C 106 -24.26 5.00 -20.03
N PHE C 107 -23.72 5.94 -19.25
CA PHE C 107 -24.40 6.52 -18.11
C PHE C 107 -24.84 7.92 -18.50
N THR C 108 -26.14 8.19 -18.46
CA THR C 108 -26.63 9.52 -18.84
C THR C 108 -27.58 10.20 -17.84
N SER C 109 -27.85 9.56 -16.69
CA SER C 109 -28.78 10.15 -15.73
C SER C 109 -28.10 10.37 -14.38
N GLY C 110 -28.80 11.11 -13.53
CA GLY C 110 -28.31 11.40 -12.21
C GLY C 110 -27.09 12.29 -12.30
N SER C 111 -26.08 11.97 -11.52
CA SER C 111 -24.88 12.78 -11.44
C SER C 111 -24.13 12.73 -12.77
N TYR C 112 -24.43 11.74 -13.59
CA TYR C 112 -23.79 11.62 -14.89
C TYR C 112 -24.43 12.48 -15.99
N GLU C 113 -25.48 13.25 -15.69
CA GLU C 113 -26.26 13.86 -16.76
C GLU C 113 -25.49 14.88 -17.60
N GLN C 114 -24.59 15.65 -16.99
CA GLN C 114 -24.05 16.81 -17.68
C GLN C 114 -23.19 16.45 -18.90
N TRP C 115 -22.26 15.50 -18.72
CA TRP C 115 -21.39 15.03 -19.81
C TRP C 115 -21.59 13.55 -20.16
N GLY C 116 -22.27 12.82 -19.28
CA GLY C 116 -22.27 11.38 -19.32
C GLY C 116 -21.01 10.73 -18.75
N HIS C 117 -21.10 9.43 -18.56
CA HIS C 117 -19.96 8.56 -18.33
C HIS C 117 -20.10 7.34 -19.23
N ILE C 118 -18.98 6.72 -19.52
CA ILE C 118 -18.95 5.62 -20.49
C ILE C 118 -17.78 4.69 -20.13
N GLY C 119 -17.91 3.43 -20.49
CA GLY C 119 -16.88 2.44 -20.28
C GLY C 119 -17.20 1.20 -21.03
N ILE C 120 -16.34 0.20 -20.90
CA ILE C 120 -16.53 -1.07 -21.60
C ILE C 120 -16.92 -2.13 -20.54
N VAL C 121 -17.91 -2.95 -20.88
CA VAL C 121 -18.28 -4.11 -20.04
C VAL C 121 -17.15 -5.13 -20.05
N TYR C 122 -16.53 -5.32 -18.89
CA TYR C 122 -15.46 -6.30 -18.73
C TYR C 122 -16.02 -7.67 -18.32
N ASP C 123 -17.01 -7.68 -17.45
CA ASP C 123 -17.72 -8.86 -17.07
C ASP C 123 -19.18 -8.48 -16.97
N GLY C 124 -20.03 -9.22 -17.66
CA GLY C 124 -21.44 -8.91 -17.75
C GLY C 124 -22.20 -9.00 -16.44
N GLY C 125 -21.68 -9.79 -15.49
CA GLY C 125 -22.19 -9.82 -14.13
C GLY C 125 -23.60 -10.39 -14.07
N ASN C 126 -24.43 -9.79 -13.22
CA ASN C 126 -25.84 -10.16 -13.07
C ASN C 126 -26.71 -8.91 -13.10
N THR C 127 -27.95 -9.03 -12.66
CA THR C 127 -28.87 -7.90 -12.65
C THR C 127 -28.52 -6.89 -11.58
N SER C 128 -27.67 -7.28 -10.63
CA SER C 128 -27.31 -6.41 -9.51
C SER C 128 -26.03 -5.59 -9.80
N THR C 129 -24.98 -6.28 -10.24
CA THR C 129 -23.70 -5.62 -10.53
C THR C 129 -23.06 -6.16 -11.80
N PHE C 130 -22.14 -5.37 -12.35
CA PHE C 130 -21.26 -5.85 -13.41
C PHE C 130 -19.91 -5.18 -13.24
N THR C 131 -18.93 -5.65 -13.98
CA THR C 131 -17.60 -5.04 -13.96
C THR C 131 -17.36 -4.25 -15.23
N ILE C 132 -17.05 -2.98 -15.02
CA ILE C 132 -16.74 -2.04 -16.11
C ILE C 132 -15.22 -1.84 -16.19
N LEU C 133 -14.75 -1.56 -17.37
CA LEU C 133 -13.41 -1.00 -17.61
C LEU C 133 -13.57 0.41 -18.15
N GLU C 134 -12.99 1.37 -17.43
CA GLU C 134 -13.29 2.76 -17.70
C GLU C 134 -12.06 3.63 -17.40
N GLN C 135 -12.07 4.85 -17.95
CA GLN C 135 -11.17 5.90 -17.52
C GLN C 135 -11.82 6.98 -16.71
N ASN C 136 -11.00 7.56 -15.84
CA ASN C 136 -11.33 8.78 -15.13
C ASN C 136 -12.52 8.70 -14.19
N TRP C 137 -12.68 7.55 -13.53
CA TRP C 137 -13.45 7.44 -12.28
C TRP C 137 -12.96 8.46 -11.24
N ASN C 138 -11.65 8.66 -11.14
CA ASN C 138 -11.07 9.50 -10.09
C ASN C 138 -11.15 11.02 -10.30
N GLY C 139 -11.53 11.46 -11.49
CA GLY C 139 -11.61 12.89 -11.80
C GLY C 139 -10.34 13.59 -12.23
N TYR C 140 -9.17 12.97 -11.99
CA TYR C 140 -7.87 13.62 -12.28
C TYR C 140 -7.36 13.42 -13.71
N ALA C 141 -8.04 12.56 -14.48
CA ALA C 141 -7.73 12.33 -15.87
C ALA C 141 -6.30 11.82 -16.13
N ASN C 142 -5.77 11.06 -15.18
CA ASN C 142 -4.36 10.69 -15.18
C ASN C 142 -4.06 9.19 -15.25
N LYS C 143 -5.06 8.35 -14.97
CA LYS C 143 -4.83 6.91 -14.81
C LYS C 143 -5.24 6.18 -16.09
N LYS C 144 -4.60 5.03 -16.30
CA LYS C 144 -4.97 4.13 -17.39
C LYS C 144 -6.33 3.46 -17.12
N PRO C 145 -6.88 2.81 -18.14
CA PRO C 145 -8.18 2.17 -17.91
C PRO C 145 -8.18 1.15 -16.75
N THR C 146 -9.21 1.26 -15.92
CA THR C 146 -9.24 0.57 -14.65
C THR C 146 -10.61 -0.07 -14.43
N LYS C 147 -10.62 -1.27 -13.87
CA LYS C 147 -11.85 -2.01 -13.63
C LYS C 147 -12.51 -1.56 -12.34
N ARG C 148 -13.85 -1.55 -12.36
CA ARG C 148 -14.66 -1.19 -11.19
C ARG C 148 -15.94 -2.00 -11.24
N VAL C 149 -16.45 -2.42 -10.07
CA VAL C 149 -17.77 -3.00 -9.96
C VAL C 149 -18.83 -1.90 -9.91
N ASP C 150 -19.76 -1.93 -10.86
CA ASP C 150 -20.84 -0.92 -10.96
C ASP C 150 -22.19 -1.56 -10.61
N ASN C 151 -23.08 -0.76 -10.03
CA ASN C 151 -24.40 -1.20 -9.60
C ASN C 151 -25.55 -0.73 -10.51
N TYR C 152 -25.21 -0.32 -11.74
CA TYR C 152 -26.16 0.22 -12.73
C TYR C 152 -26.75 1.59 -12.41
N TYR C 153 -26.32 2.23 -11.34
CA TYR C 153 -26.79 3.57 -11.05
C TYR C 153 -26.46 4.52 -12.21
N GLY C 154 -27.47 5.23 -12.71
CA GLY C 154 -27.27 6.23 -13.75
C GLY C 154 -27.00 5.66 -15.14
N LEU C 155 -26.98 4.34 -15.27
CA LEU C 155 -26.68 3.64 -16.51
C LEU C 155 -27.99 3.48 -17.30
N THR C 156 -28.00 4.02 -18.51
CA THR C 156 -29.24 4.12 -19.28
C THR C 156 -29.23 3.24 -20.54
N HIS C 157 -28.04 2.98 -21.08
CA HIS C 157 -27.92 2.30 -22.38
C HIS C 157 -26.67 1.41 -22.41
N PHE C 158 -26.74 0.36 -23.22
CA PHE C 158 -25.57 -0.39 -23.66
C PHE C 158 -25.50 -0.27 -25.16
N ILE C 159 -24.27 -0.20 -25.69
CA ILE C 159 -24.04 -0.36 -27.12
C ILE C 159 -23.44 -1.73 -27.35
N GLU C 160 -24.24 -2.58 -27.97
CA GLU C 160 -23.79 -3.84 -28.50
C GLU C 160 -22.89 -3.66 -29.69
N ILE C 161 -21.72 -4.29 -29.64
CA ILE C 161 -20.77 -4.21 -30.72
C ILE C 161 -20.86 -5.47 -31.61
N PRO C 162 -20.49 -5.34 -32.91
CA PRO C 162 -20.36 -6.56 -33.74
C PRO C 162 -19.20 -7.49 -33.33
N VAL C 163 -19.45 -8.79 -33.41
CA VAL C 163 -18.45 -9.80 -33.07
C VAL C 163 -18.32 -10.79 -34.21
N LYS C 164 -17.11 -10.90 -34.74
CA LYS C 164 -16.75 -11.83 -35.80
C LYS C 164 -16.69 -13.26 -35.28
N ALA C 165 -17.28 -14.19 -36.06
CA ALA C 165 -16.99 -15.63 -35.93
C ALA C 165 -15.50 -15.95 -35.92
N ALA D 2 -0.97 25.91 28.70
CA ALA D 2 -0.83 24.64 29.48
C ALA D 2 -2.09 24.29 30.25
N LYS D 3 -2.20 23.01 30.61
CA LYS D 3 -3.37 22.49 31.31
C LYS D 3 -2.94 22.07 32.70
N THR D 4 -3.87 22.14 33.65
CA THR D 4 -3.60 21.71 34.99
C THR D 4 -3.67 20.18 35.05
N GLN D 5 -3.09 19.58 36.08
CA GLN D 5 -3.19 18.14 36.24
C GLN D 5 -4.63 17.67 36.38
N ALA D 6 -5.45 18.45 37.09
CA ALA D 6 -6.87 18.14 37.18
C ALA D 6 -7.53 18.07 35.79
N GLU D 7 -7.21 19.03 34.93
CA GLU D 7 -7.77 19.07 33.56
C GLU D 7 -7.30 17.88 32.73
N ILE D 8 -6.02 17.60 32.83
CA ILE D 8 -5.42 16.44 32.18
C ILE D 8 -6.13 15.19 32.63
N ASN D 9 -6.24 14.98 33.95
CA ASN D 9 -6.87 13.76 34.49
C ASN D 9 -8.33 13.58 34.07
N LYS D 10 -9.07 14.68 34.11
CA LYS D 10 -10.46 14.75 33.62
C LYS D 10 -10.52 14.30 32.15
N ARG D 11 -9.60 14.81 31.33
CA ARG D 11 -9.61 14.48 29.92
C ARG D 11 -9.32 13.00 29.64
N LEU D 12 -8.42 12.40 30.43
CA LEU D 12 -8.08 10.98 30.24
C LEU D 12 -9.28 10.08 30.53
N ASP D 13 -10.01 10.37 31.61
CA ASP D 13 -11.23 9.62 31.90
C ASP D 13 -12.27 9.84 30.82
N ALA D 14 -12.38 11.07 30.30
CA ALA D 14 -13.35 11.34 29.22
C ALA D 14 -12.99 10.60 27.93
N TYR D 15 -11.70 10.51 27.60
CA TYR D 15 -11.28 9.67 26.48
C TYR D 15 -11.77 8.24 26.65
N ALA D 16 -11.52 7.68 27.82
CA ALA D 16 -11.86 6.27 28.10
C ALA D 16 -13.38 6.05 28.11
N LYS D 17 -14.13 7.07 28.52
CA LYS D 17 -15.60 7.01 28.59
C LYS D 17 -16.28 7.28 27.26
N GLY D 18 -15.54 7.88 26.31
CA GLY D 18 -16.11 8.31 25.04
C GLY D 18 -16.84 9.63 25.13
N THR D 19 -16.47 10.47 26.09
CA THR D 19 -17.17 11.73 26.29
C THR D 19 -16.26 12.96 26.13
N VAL D 20 -15.01 12.74 25.72
CA VAL D 20 -14.03 13.82 25.60
C VAL D 20 -14.55 14.95 24.70
N ASP D 21 -14.26 16.19 25.08
CA ASP D 21 -14.61 17.34 24.28
C ASP D 21 -13.58 17.50 23.14
N SER D 22 -13.84 16.80 22.04
CA SER D 22 -12.93 16.79 20.90
C SER D 22 -13.73 16.79 19.63
N PRO D 23 -13.34 17.62 18.62
CA PRO D 23 -14.01 17.57 17.33
C PRO D 23 -13.58 16.40 16.48
N TYR D 24 -12.63 15.60 16.98
CA TYR D 24 -12.17 14.39 16.29
C TYR D 24 -12.77 13.11 16.88
N ARG D 25 -13.63 13.23 17.88
CA ARG D 25 -14.35 12.11 18.46
C ARG D 25 -15.57 11.75 17.57
N VAL D 26 -15.60 10.50 17.15
CA VAL D 26 -16.73 9.95 16.43
C VAL D 26 -18.00 9.98 17.29
N LYS D 27 -19.07 10.58 16.76
CA LYS D 27 -20.36 10.72 17.49
C LYS D 27 -21.24 9.53 17.15
N LYS D 28 -21.17 9.08 15.91
CA LYS D 28 -22.01 8.02 15.39
C LYS D 28 -21.14 7.17 14.52
N ALA D 29 -21.40 5.87 14.56
CA ALA D 29 -20.53 4.87 14.01
C ALA D 29 -20.18 5.19 12.55
N THR D 30 -18.87 5.31 12.27
CA THR D 30 -18.35 5.98 11.05
C THR D 30 -17.38 5.04 10.29
N SER D 31 -17.46 5.04 8.96
CA SER D 31 -16.57 4.28 8.11
C SER D 31 -16.26 5.07 6.82
N TYR D 32 -15.03 4.91 6.37
CA TYR D 32 -14.61 5.25 5.01
C TYR D 32 -13.60 4.26 4.40
N ASP D 33 -13.07 3.32 5.18
CA ASP D 33 -11.98 2.47 4.75
C ASP D 33 -12.54 1.07 4.90
N PRO D 34 -12.69 0.34 3.75
CA PRO D 34 -13.17 -1.05 3.80
C PRO D 34 -12.29 -2.01 4.59
N SER D 35 -11.03 -1.64 4.85
CA SER D 35 -10.02 -2.51 5.50
C SER D 35 -9.98 -2.47 7.01
N PHE D 36 -10.77 -1.58 7.61
CA PHE D 36 -10.86 -1.46 9.04
C PHE D 36 -12.29 -1.66 9.48
N GLY D 37 -12.46 -1.95 10.76
CA GLY D 37 -13.79 -1.95 11.37
C GLY D 37 -14.41 -0.56 11.49
N VAL D 38 -15.74 -0.52 11.39
CA VAL D 38 -16.52 0.72 11.51
C VAL D 38 -16.13 1.33 12.87
N MET D 39 -15.78 2.62 12.89
CA MET D 39 -15.40 3.28 14.15
C MET D 39 -16.62 3.49 15.05
N GLU D 40 -16.54 2.98 16.27
CA GLU D 40 -17.56 3.18 17.26
C GLU D 40 -17.51 4.60 17.82
N ALA D 41 -18.65 5.04 18.34
CA ALA D 41 -18.72 6.30 19.01
C ALA D 41 -17.65 6.33 20.07
N GLY D 42 -16.91 7.43 20.10
CA GLY D 42 -15.84 7.62 21.05
C GLY D 42 -14.45 7.41 20.52
N ALA D 43 -14.33 6.72 19.39
CA ALA D 43 -13.08 6.65 18.66
C ALA D 43 -12.60 8.02 18.22
N ILE D 44 -11.29 8.20 18.27
CA ILE D 44 -10.66 9.43 17.84
C ILE D 44 -9.97 9.24 16.48
N ASP D 45 -10.40 10.04 15.50
CA ASP D 45 -9.81 10.07 14.16
C ASP D 45 -9.43 11.49 13.78
N ALA D 46 -8.14 11.78 13.82
CA ALA D 46 -7.65 13.15 13.72
C ALA D 46 -7.15 13.50 12.33
N ASP D 47 -6.84 12.49 11.50
CA ASP D 47 -6.27 12.72 10.17
C ASP D 47 -7.23 12.38 8.99
N GLY D 48 -8.29 11.65 9.26
CA GLY D 48 -9.23 11.24 8.23
C GLY D 48 -8.74 10.09 7.39
N TYR D 49 -7.70 9.38 7.87
CA TYR D 49 -7.18 8.15 7.24
C TYR D 49 -7.09 7.02 8.23
N TYR D 50 -7.27 5.80 7.75
CA TYR D 50 -6.98 4.55 8.51
C TYR D 50 -7.87 4.34 9.75
N HIS D 51 -9.04 4.98 9.79
CA HIS D 51 -9.91 4.96 10.94
C HIS D 51 -9.11 5.40 12.19
N ALA D 52 -9.29 4.74 13.33
CA ALA D 52 -8.85 5.24 14.62
C ALA D 52 -7.61 4.48 15.10
N GLN D 53 -6.47 5.07 14.84
CA GLN D 53 -5.17 4.44 15.06
C GLN D 53 -4.58 5.03 16.36
N GLN D 55 -1.87 6.84 16.88
CA GLN D 55 -1.37 8.21 16.84
C GLN D 55 -2.48 9.25 16.81
N ASP D 56 -3.65 8.86 16.32
CA ASP D 56 -4.82 9.75 16.34
C ASP D 56 -5.10 10.34 17.72
N LEU D 57 -5.07 9.49 18.74
CA LEU D 57 -5.23 9.90 20.13
C LEU D 57 -4.24 11.01 20.54
N ILE D 58 -2.99 10.84 20.16
CA ILE D 58 -1.93 11.77 20.56
C ILE D 58 -2.07 13.07 19.79
N THR D 59 -2.42 12.99 18.52
CA THR D 59 -2.67 14.20 17.72
C THR D 59 -3.71 15.09 18.41
N ASP D 60 -4.83 14.48 18.79
CA ASP D 60 -5.87 15.19 19.52
C ASP D 60 -5.39 15.78 20.84
N TYR D 61 -4.70 14.95 21.63
CA TYR D 61 -4.23 15.29 22.95
C TYR D 61 -3.28 16.47 22.87
N VAL D 62 -2.31 16.39 21.96
CA VAL D 62 -1.33 17.47 21.79
C VAL D 62 -1.95 18.77 21.27
N LEU D 63 -2.88 18.68 20.32
CA LEU D 63 -3.68 19.84 19.92
C LEU D 63 -4.36 20.48 21.14
N TRP D 64 -4.97 19.67 21.99
CA TRP D 64 -5.65 20.21 23.18
C TRP D 64 -4.69 20.85 24.15
N LEU D 65 -3.59 20.14 24.46
CA LEU D 65 -2.57 20.69 25.37
C LEU D 65 -2.05 22.02 24.88
N THR D 66 -1.89 22.19 23.56
CA THR D 66 -1.27 23.40 23.00
C THR D 66 -2.27 24.39 22.41
N ASP D 67 -3.53 24.33 22.82
CA ASP D 67 -4.56 25.25 22.32
C ASP D 67 -4.54 25.31 20.80
N ASN D 68 -4.52 24.12 20.19
CA ASN D 68 -4.51 23.96 18.75
C ASN D 68 -3.31 24.55 17.99
N LYS D 69 -2.21 24.85 18.69
CA LYS D 69 -1.01 25.38 18.05
C LYS D 69 -0.10 24.32 17.44
N VAL D 70 -0.06 23.13 18.04
CA VAL D 70 0.82 22.05 17.58
C VAL D 70 0.01 20.84 17.08
N ARG D 71 0.08 20.62 15.78
CA ARG D 71 -0.35 19.39 15.17
C ARG D 71 0.84 18.46 14.95
N THR D 72 0.74 17.25 15.48
CA THR D 72 1.78 16.24 15.27
C THR D 72 1.83 15.85 13.79
N TRP D 73 3.02 15.48 13.32
CA TRP D 73 3.22 14.88 12.00
C TRP D 73 3.82 13.53 12.20
N GLY D 74 3.59 12.64 11.24
CA GLY D 74 4.24 11.36 11.20
C GLY D 74 3.53 10.28 11.97
N ASN D 75 4.16 9.12 11.95
CA ASN D 75 3.71 7.94 12.69
C ASN D 75 4.05 8.05 14.17
N ALA D 76 3.54 7.11 14.97
CA ALA D 76 3.88 6.98 16.38
C ALA D 76 5.40 7.13 16.62
N LYS D 77 6.22 6.40 15.86
CA LYS D 77 7.66 6.38 16.11
C LYS D 77 8.32 7.72 15.82
N ASP D 78 7.69 8.53 14.97
CA ASP D 78 8.26 9.81 14.57
C ASP D 78 8.10 10.89 15.61
N GLN D 79 7.34 10.58 16.67
CA GLN D 79 7.00 11.60 17.67
C GLN D 79 8.23 12.03 18.49
N ILE D 80 9.18 11.12 18.64
CA ILE D 80 10.45 11.41 19.33
C ILE D 80 11.45 12.17 18.44
N LYS D 81 11.10 12.40 17.19
CA LYS D 81 11.95 13.11 16.25
C LYS D 81 11.47 14.51 16.00
N GLN D 82 10.46 14.95 16.75
CA GLN D 82 9.94 16.31 16.67
C GLN D 82 9.73 16.87 18.09
N SER D 83 9.45 18.16 18.19
CA SER D 83 9.21 18.78 19.49
C SER D 83 7.85 19.43 19.49
N TYR D 84 7.10 19.20 20.55
CA TYR D 84 5.78 19.77 20.67
C TYR D 84 5.86 21.17 21.29
N GLY D 85 7.06 21.57 21.66
CA GLY D 85 7.34 22.95 21.99
C GLY D 85 7.83 23.08 23.42
N THR D 86 7.74 24.28 23.94
CA THR D 86 8.34 24.62 25.22
C THR D 86 7.64 23.86 26.33
N GLY D 87 8.46 23.24 27.19
CA GLY D 87 7.96 22.52 28.35
C GLY D 87 7.66 21.06 28.10
N PHE D 88 7.67 20.62 26.84
CA PHE D 88 7.67 19.20 26.50
C PHE D 88 9.08 18.64 26.47
N LYS D 89 9.29 17.51 27.13
CA LYS D 89 10.64 16.95 27.25
C LYS D 89 10.61 15.50 26.91
N ILE D 90 11.52 15.08 26.04
CA ILE D 90 11.63 13.68 25.66
C ILE D 90 12.63 13.01 26.63
N HIS D 91 12.17 11.96 27.31
CA HIS D 91 12.99 11.15 28.20
C HIS D 91 13.18 9.78 27.59
N GLU D 92 14.41 9.28 27.55
CA GLU D 92 14.63 7.85 27.37
C GLU D 92 14.04 7.05 28.53
N ASN D 93 13.47 5.90 28.20
CA ASN D 93 13.03 4.95 29.22
C ASN D 93 14.25 4.16 29.70
N LYS D 94 14.75 4.55 30.86
CA LYS D 94 15.74 3.76 31.58
C LYS D 94 15.03 2.89 32.60
N PRO D 95 15.68 1.80 33.05
CA PRO D 95 14.91 0.80 33.80
C PRO D 95 14.61 1.25 35.24
N SER D 96 15.27 2.31 35.68
CA SER D 96 14.76 3.15 36.78
C SER D 96 13.44 3.88 36.49
N THR D 97 13.18 4.22 35.22
CA THR D 97 12.32 5.37 34.86
C THR D 97 10.85 4.98 35.06
N VAL D 98 10.19 5.72 35.96
CA VAL D 98 8.74 5.61 36.17
C VAL D 98 8.02 6.89 35.70
N PRO D 99 7.06 6.73 34.78
CA PRO D 99 6.40 7.88 34.19
C PRO D 99 5.37 8.49 35.13
N LYS D 100 4.87 9.66 34.76
CA LYS D 100 3.76 10.28 35.45
C LYS D 100 2.50 10.31 34.58
N LYS D 101 1.36 10.40 35.23
CA LYS D 101 0.07 10.45 34.58
C LYS D 101 -0.01 11.66 33.64
N GLY D 102 -0.45 11.41 32.41
CA GLY D 102 -0.51 12.45 31.39
C GLY D 102 0.69 12.52 30.46
N TRP D 103 1.80 11.87 30.84
CA TRP D 103 2.92 11.72 29.93
C TRP D 103 2.54 10.78 28.75
N ILE D 104 3.27 10.90 27.66
CA ILE D 104 3.05 10.11 26.46
C ILE D 104 4.11 9.01 26.43
N ALA D 105 3.66 7.76 26.27
CA ALA D 105 4.54 6.59 26.15
C ALA D 105 4.75 6.20 24.67
N VAL D 106 6.02 6.10 24.26
CA VAL D 106 6.37 5.82 22.86
C VAL D 106 7.13 4.51 22.77
N PHE D 107 6.59 3.60 21.96
CA PHE D 107 7.18 2.31 21.71
C PHE D 107 7.82 2.33 20.35
N THR D 108 9.13 2.07 20.26
CA THR D 108 9.83 2.09 18.97
C THR D 108 10.69 0.86 18.65
N SER D 109 10.73 -0.12 19.54
CA SER D 109 11.59 -1.28 19.30
C SER D 109 10.78 -2.57 19.27
N GLY D 110 11.45 -3.63 18.83
CA GLY D 110 10.81 -4.92 18.75
C GLY D 110 9.74 -4.90 17.70
N SER D 111 8.60 -5.49 18.05
CA SER D 111 7.50 -5.63 17.12
C SER D 111 6.91 -4.24 16.78
N TYR D 112 7.21 -3.25 17.62
CA TYR D 112 6.75 -1.89 17.38
C TYR D 112 7.63 -1.08 16.42
N GLU D 113 8.69 -1.66 15.88
CA GLU D 113 9.66 -0.86 15.16
C GLU D 113 9.13 -0.18 13.87
N GLN D 114 8.24 -0.85 13.13
CA GLN D 114 7.93 -0.39 11.79
C GLN D 114 7.22 0.97 11.77
N TRP D 115 6.18 1.11 12.60
CA TRP D 115 5.42 2.37 12.71
C TRP D 115 5.47 3.00 14.09
N GLY D 116 5.93 2.24 15.08
CA GLY D 116 5.79 2.61 16.48
C GLY D 116 4.40 2.35 17.03
N HIS D 117 4.32 2.45 18.34
CA HIS D 117 3.07 2.55 19.07
C HIS D 117 3.18 3.67 20.08
N ILE D 118 2.05 4.22 20.48
CA ILE D 118 2.02 5.40 21.33
C ILE D 118 0.70 5.37 22.14
N GLY D 119 0.74 5.97 23.31
CA GLY D 119 -0.42 6.13 24.14
C GLY D 119 -0.14 7.11 25.24
N ILE D 120 -1.10 7.30 26.12
CA ILE D 120 -0.98 8.23 27.23
C ILE D 120 -0.88 7.43 28.53
N VAL D 121 0.07 7.81 29.39
CA VAL D 121 0.20 7.20 30.74
C VAL D 121 -1.04 7.56 31.55
N TYR D 122 -1.82 6.57 31.90
CA TYR D 122 -2.99 6.74 32.74
C TYR D 122 -2.66 6.59 34.23
N ASP D 123 -1.82 5.61 34.56
CA ASP D 123 -1.31 5.44 35.88
C ASP D 123 0.17 5.12 35.75
N GLY D 124 1.01 5.86 36.46
CA GLY D 124 2.45 5.73 36.32
C GLY D 124 3.02 4.40 36.79
N GLY D 125 2.28 3.71 37.67
CA GLY D 125 2.59 2.34 38.05
C GLY D 125 3.91 2.23 38.81
N ASN D 126 4.67 1.18 38.51
CA ASN D 126 5.99 0.97 39.09
C ASN D 126 6.99 0.62 38.00
N THR D 127 8.15 0.08 38.38
CA THR D 127 9.18 -0.29 37.41
C THR D 127 8.79 -1.51 36.61
N SER D 128 7.78 -2.24 37.07
CA SER D 128 7.38 -3.48 36.41
C SER D 128 6.27 -3.23 35.38
N THR D 129 5.22 -2.52 35.79
CA THR D 129 4.08 -2.25 34.93
C THR D 129 3.56 -0.83 35.09
N PHE D 130 2.82 -0.37 34.09
CA PHE D 130 2.04 0.84 34.21
C PHE D 130 0.76 0.68 33.39
N THR D 131 -0.17 1.61 33.56
CA THR D 131 -1.41 1.59 32.80
C THR D 131 -1.37 2.67 31.74
N ILE D 132 -1.56 2.23 30.51
CA ILE D 132 -1.62 3.11 29.33
C ILE D 132 -3.08 3.29 28.90
N LEU D 133 -3.36 4.43 28.31
CA LEU D 133 -4.57 4.68 27.55
C LEU D 133 -4.18 4.85 26.09
N GLU D 134 -4.77 4.04 25.23
CA GLU D 134 -4.28 3.95 23.86
C GLU D 134 -5.42 3.58 22.92
N GLN D 135 -5.19 3.84 21.63
CA GLN D 135 -6.02 3.30 20.59
C GLN D 135 -5.36 2.20 19.79
N ASN D 136 -6.22 1.33 19.29
CA ASN D 136 -5.87 0.33 18.31
C ASN D 136 -4.84 -0.70 18.75
N TRP D 137 -4.90 -1.10 20.02
CA TRP D 137 -4.32 -2.36 20.50
C TRP D 137 -4.82 -3.54 19.67
N ASN D 138 -6.10 -3.53 19.32
CA ASN D 138 -6.72 -4.69 18.64
C ASN D 138 -6.42 -4.84 17.13
N GLY D 139 -5.84 -3.81 16.51
CA GLY D 139 -5.56 -3.85 15.07
C GLY D 139 -6.69 -3.46 14.10
N TYR D 140 -7.95 -3.44 14.59
CA TYR D 140 -9.11 -3.16 13.73
C TYR D 140 -9.45 -1.67 13.56
N ALA D 141 -8.77 -0.81 14.32
CA ALA D 141 -8.90 0.64 14.23
C ALA D 141 -10.33 1.14 14.46
N ASN D 142 -11.09 0.45 15.31
CA ASN D 142 -12.52 0.68 15.46
C ASN D 142 -12.95 1.14 16.86
N LYS D 143 -12.11 0.95 17.88
CA LYS D 143 -12.51 1.14 19.27
C LYS D 143 -12.01 2.49 19.77
N LYS D 144 -12.74 3.02 20.74
CA LYS D 144 -12.33 4.23 21.45
C LYS D 144 -11.11 3.96 22.33
N PRO D 145 -10.48 5.03 22.83
CA PRO D 145 -9.31 4.82 23.69
C PRO D 145 -9.59 3.92 24.92
N THR D 146 -8.68 2.98 25.16
CA THR D 146 -8.91 1.89 26.09
C THR D 146 -7.65 1.66 26.94
N LYS D 147 -7.85 1.39 28.22
CA LYS D 147 -6.77 1.20 29.15
C LYS D 147 -6.23 -0.23 29.07
N ARG D 148 -4.90 -0.35 29.23
CA ARG D 148 -4.23 -1.64 29.23
C ARG D 148 -3.05 -1.54 30.20
N VAL D 149 -2.76 -2.63 30.91
CA VAL D 149 -1.54 -2.75 31.68
C VAL D 149 -0.39 -3.16 30.78
N ASP D 150 0.65 -2.33 30.73
CA ASP D 150 1.84 -2.57 29.89
C ASP D 150 3.04 -2.93 30.78
N ASN D 151 3.93 -3.77 30.24
CA ASN D 151 5.13 -4.22 30.94
C ASN D 151 6.44 -3.57 30.44
N TYR D 152 6.33 -2.43 29.76
CA TYR D 152 7.45 -1.69 29.16
C TYR D 152 8.14 -2.36 27.99
N TYR D 153 7.64 -3.48 27.53
CA TYR D 153 8.24 -4.12 26.38
C TYR D 153 8.18 -3.18 25.17
N GLY D 154 9.32 -2.96 24.53
CA GLY D 154 9.38 -2.16 23.30
C GLY D 154 9.24 -0.67 23.52
N LEU D 155 9.09 -0.24 24.77
CA LEU D 155 8.87 1.14 25.16
C LEU D 155 10.23 1.82 25.34
N THR D 156 10.48 2.87 24.57
CA THR D 156 11.81 3.45 24.47
C THR D 156 11.87 4.85 25.06
N HIS D 157 10.75 5.58 25.03
CA HIS D 157 10.73 6.99 25.39
C HIS D 157 9.42 7.35 26.07
N PHE D 158 9.48 8.37 26.93
CA PHE D 158 8.29 9.10 27.42
C PHE D 158 8.42 10.53 26.98
N ILE D 159 7.31 11.14 26.60
CA ILE D 159 7.26 12.59 26.43
C ILE D 159 6.54 13.18 27.65
N GLU D 160 7.32 13.86 28.47
CA GLU D 160 6.80 14.71 29.52
C GLU D 160 6.10 15.94 28.95
N ILE D 161 4.87 16.16 29.39
CA ILE D 161 4.07 17.30 28.96
C ILE D 161 4.15 18.43 30.02
N PRO D 162 3.95 19.69 29.60
CA PRO D 162 3.83 20.79 30.57
C PRO D 162 2.55 20.71 31.41
N VAL D 163 2.66 21.04 32.69
CA VAL D 163 1.52 21.03 33.59
C VAL D 163 1.44 22.37 34.31
N LYS D 164 0.32 23.05 34.14
CA LYS D 164 0.01 24.33 34.79
C LYS D 164 -0.31 24.14 36.28
N ALA D 165 0.28 24.99 37.12
CA ALA D 165 -0.14 25.16 38.52
C ALA D 165 -1.64 25.43 38.68
#